data_4YY7
#
_entry.id   4YY7
#
_cell.length_a   96.772
_cell.length_b   96.772
_cell.length_c   132.506
_cell.angle_alpha   90.00
_cell.angle_beta   90.00
_cell.angle_gamma   120.00
#
_symmetry.space_group_name_H-M   'P 3'
#
loop_
_entity.id
_entity.type
_entity.pdbx_description
1 polymer HA1
2 polymer HA2
3 branched 2-acetamido-2-deoxy-beta-D-glucopyranose-(1-4)-2-acetamido-2-deoxy-beta-D-glucopyranose
4 branched 'N-acetyl-alpha-neuraminic acid-(2-3)-beta-D-galactopyranose-(1-4)-2-acetamido-2-deoxy-beta-D-glucopyranose'
5 non-polymer 2-acetamido-2-deoxy-beta-D-glucopyranose
#
loop_
_entity_poly.entity_id
_entity_poly.type
_entity_poly.pdbx_seq_one_letter_code
_entity_poly.pdbx_strand_id
1 'polypeptide(L)'
;DKICIGYHANNSTTQVDTLLEKNVTVTHSVELLENQKEKRFCKIMNKAPLDLKDCTIEGWILGNPKCDLLLGDQSWSYIV
ERPNAQNGICYPGVLNELEELKAFIGSGERVERFEMFPKSTWAGVDTSRGVTNACPSYTLDSSFYRNLVWLVKTDSATYP
VIKGTYNNTGTQPILYFWGVHHPPDTTVQDNLYGSGDKYVRMGTESMNFAKSPEIAARPAVNGQRSRIDYYWSVLRPGET
LNVESNGNLIAPWYAYKFVSTNKKGAVFKSDLPIENCDATCQTIAGVLKTNKTFQNVSPLWIGECPKYVKSESLRLATGL
RNVPQ
;
A,C
2 'polypeptide(L)'
;GIFGAIAGFIEGGWTGMIDGWYGYHHENSQGSGYAADRESTQKAIDGITNKVNSIINKMNTQFEAVDHEFSNLERRIGNL
NKRMEDGFLDVWTYNAELLVLLENERTLDLHDANVKNLYEKVKSQLRDNANDLGNGCFEFWHKCDNECMESVKNGTYDYP
KYQK
;
B,D
#
loop_
_chem_comp.id
_chem_comp.type
_chem_comp.name
_chem_comp.formula
GAL D-saccharide, beta linking beta-D-galactopyranose 'C6 H12 O6'
NAG D-saccharide, beta linking 2-acetamido-2-deoxy-beta-D-glucopyranose 'C8 H15 N O6'
SIA D-saccharide, alpha linking 'N-acetyl-alpha-neuraminic acid' 'C11 H19 N O9'
#
# COMPACT_ATOMS: atom_id res chain seq x y z
N ASP A 1 79.24 12.76 -21.02
CA ASP A 1 78.06 13.19 -21.79
C ASP A 1 77.23 11.98 -22.21
N LYS A 2 75.92 12.07 -21.99
CA LYS A 2 75.03 10.95 -22.29
C LYS A 2 73.58 11.37 -22.52
N ILE A 3 72.76 10.42 -22.97
CA ILE A 3 71.33 10.66 -23.21
C ILE A 3 70.55 9.35 -23.00
N CYS A 4 69.37 9.45 -22.36
CA CYS A 4 68.58 8.27 -22.03
C CYS A 4 67.18 8.27 -22.66
N ILE A 5 66.67 7.06 -22.92
CA ILE A 5 65.33 6.87 -23.47
C ILE A 5 64.43 6.23 -22.41
N GLY A 6 63.23 6.75 -22.24
CA GLY A 6 62.32 6.22 -21.24
C GLY A 6 60.88 6.70 -21.38
N TYR A 7 60.10 6.57 -20.31
CA TYR A 7 58.66 6.80 -20.40
C TYR A 7 58.04 7.42 -19.14
N HIS A 8 56.80 7.88 -19.30
CA HIS A 8 56.05 8.58 -18.26
C HIS A 8 55.68 7.71 -17.05
N ALA A 9 55.51 8.35 -15.90
CA ALA A 9 54.93 7.72 -14.71
C ALA A 9 54.28 8.79 -13.84
N ASN A 10 53.54 8.38 -12.81
CA ASN A 10 52.85 9.35 -11.96
C ASN A 10 52.26 8.75 -10.69
N ASN A 11 51.57 9.59 -9.92
CA ASN A 11 50.96 9.23 -8.65
C ASN A 11 49.71 8.33 -8.74
N SER A 12 49.34 7.96 -9.97
CA SER A 12 48.14 7.16 -10.21
C SER A 12 48.21 5.76 -9.62
N THR A 13 47.14 5.33 -8.97
CA THR A 13 46.99 3.95 -8.51
C THR A 13 45.78 3.27 -9.15
N THR A 14 45.23 3.90 -10.18
CA THR A 14 44.11 3.33 -10.94
C THR A 14 44.52 2.07 -11.71
N GLN A 15 43.74 1.00 -11.57
CA GLN A 15 44.08 -0.28 -12.19
C GLN A 15 43.10 -0.74 -13.27
N VAL A 16 43.58 -1.65 -14.12
CA VAL A 16 42.80 -2.30 -15.16
C VAL A 16 43.11 -3.79 -15.21
N ASP A 17 42.37 -4.53 -16.04
CA ASP A 17 42.64 -5.95 -16.28
C ASP A 17 42.96 -6.20 -17.75
N THR A 18 43.74 -7.24 -18.02
CA THR A 18 43.95 -7.71 -19.39
C THR A 18 43.68 -9.20 -19.43
N LEU A 19 43.66 -9.77 -20.64
CA LEU A 19 43.50 -11.20 -20.79
C LEU A 19 44.63 -11.94 -20.07
N LEU A 20 45.81 -11.34 -20.05
CA LEU A 20 46.98 -11.99 -19.46
C LEU A 20 47.16 -11.63 -17.99
N GLU A 21 46.70 -10.44 -17.62
CA GLU A 21 47.06 -9.90 -16.31
C GLU A 21 45.94 -9.13 -15.66
N LYS A 22 45.62 -9.47 -14.42
CA LYS A 22 44.66 -8.68 -13.65
C LYS A 22 45.41 -7.74 -12.72
N ASN A 23 44.72 -6.69 -12.26
CA ASN A 23 45.30 -5.72 -11.34
C ASN A 23 46.60 -5.10 -11.84
N VAL A 24 46.48 -4.22 -12.82
CA VAL A 24 47.65 -3.62 -13.46
C VAL A 24 47.51 -2.10 -13.45
N THR A 25 48.32 -1.43 -12.63
CA THR A 25 48.22 0.01 -12.47
C THR A 25 48.77 0.73 -13.70
N VAL A 26 48.05 1.77 -14.14
CA VAL A 26 48.41 2.49 -15.35
C VAL A 26 48.31 4.00 -15.13
N THR A 27 48.85 4.75 -16.08
CA THR A 27 48.99 6.19 -15.91
C THR A 27 47.67 6.90 -16.14
N HIS A 28 47.02 6.60 -17.26
CA HIS A 28 45.73 7.21 -17.56
C HIS A 28 44.77 6.16 -18.12
N SER A 29 43.54 6.20 -17.63
CA SER A 29 42.50 5.29 -18.08
C SER A 29 41.18 6.04 -18.18
N VAL A 30 40.13 5.34 -18.57
CA VAL A 30 38.81 5.96 -18.61
C VAL A 30 37.74 4.93 -18.22
N GLU A 31 36.72 5.38 -17.51
CA GLU A 31 35.64 4.48 -17.11
C GLU A 31 34.42 4.69 -18.01
N LEU A 32 34.03 3.64 -18.72
CA LEU A 32 32.95 3.73 -19.69
C LEU A 32 31.57 3.44 -19.09
N LEU A 33 31.54 3.09 -17.81
CA LEU A 33 30.32 2.57 -17.21
C LEU A 33 29.82 3.40 -16.03
N GLU A 34 28.56 3.79 -16.12
CA GLU A 34 27.91 4.56 -15.06
C GLU A 34 27.19 3.65 -14.07
N ASN A 35 27.38 3.89 -12.77
CA ASN A 35 26.67 3.14 -11.74
C ASN A 35 25.94 4.04 -10.74
N GLN A 36 25.91 5.34 -11.02
CA GLN A 36 25.33 6.30 -10.10
C GLN A 36 24.00 6.82 -10.64
N LYS A 37 22.99 6.83 -9.78
CA LYS A 37 21.66 7.28 -10.17
C LYS A 37 21.03 8.13 -9.08
N GLU A 38 20.06 8.96 -9.47
CA GLU A 38 19.29 9.76 -8.54
C GLU A 38 17.91 9.13 -8.35
N LYS A 39 17.64 8.63 -7.15
CA LYS A 39 16.41 7.87 -6.95
C LYS A 39 15.18 8.77 -6.94
N ARG A 40 14.73 9.14 -8.15
CA ARG A 40 13.57 10.00 -8.33
C ARG A 40 13.07 9.98 -9.77
N PHE A 41 11.85 10.47 -9.98
CA PHE A 41 11.27 10.61 -11.31
C PHE A 41 11.23 12.08 -11.72
N CYS A 42 11.90 12.41 -12.82
CA CYS A 42 11.93 13.79 -13.30
C CYS A 42 11.20 13.94 -14.64
N LYS A 43 11.17 15.17 -15.15
CA LYS A 43 10.51 15.47 -16.43
C LYS A 43 11.32 15.00 -17.63
N ILE A 44 10.61 14.69 -18.71
CA ILE A 44 11.24 14.30 -19.97
C ILE A 44 10.71 15.21 -21.06
N MET A 45 11.62 15.75 -21.87
CA MET A 45 11.28 16.74 -22.88
C MET A 45 10.47 17.87 -22.25
N ASN A 46 10.93 18.32 -21.10
CA ASN A 46 10.24 19.33 -20.28
C ASN A 46 8.78 19.01 -20.02
N LYS A 47 8.44 17.72 -20.02
CA LYS A 47 7.07 17.27 -19.82
C LYS A 47 7.04 16.31 -18.64
N ALA A 48 6.07 16.50 -17.76
CA ALA A 48 6.02 15.77 -16.49
C ALA A 48 5.20 14.48 -16.60
N PRO A 49 5.61 13.44 -15.85
CA PRO A 49 4.89 12.16 -15.85
C PRO A 49 3.54 12.23 -15.14
N LEU A 50 2.79 11.14 -15.23
CA LEU A 50 1.51 11.02 -14.56
C LEU A 50 1.62 10.15 -13.31
N ASP A 51 1.35 10.73 -12.14
CA ASP A 51 1.31 9.98 -10.89
C ASP A 51 -0.11 9.51 -10.62
N LEU A 52 -0.32 8.20 -10.69
CA LEU A 52 -1.64 7.63 -10.50
C LEU A 52 -1.99 7.71 -9.02
N LYS A 53 -0.96 7.78 -8.19
CA LYS A 53 -1.10 7.84 -6.73
C LYS A 53 -1.87 6.61 -6.29
N ASP A 54 -2.95 6.79 -5.54
CA ASP A 54 -3.62 5.66 -4.92
C ASP A 54 -4.62 5.02 -5.89
N CYS A 55 -4.43 5.26 -7.17
CA CYS A 55 -5.24 4.61 -8.20
C CYS A 55 -4.41 3.66 -9.06
N THR A 56 -5.02 2.54 -9.45
CA THR A 56 -4.46 1.70 -10.49
C THR A 56 -4.92 2.25 -11.82
N ILE A 57 -4.30 1.77 -12.90
CA ILE A 57 -4.64 2.19 -14.25
C ILE A 57 -6.12 1.93 -14.55
N GLU A 58 -6.61 0.78 -14.09
CA GLU A 58 -8.02 0.42 -14.28
C GLU A 58 -8.91 1.46 -13.61
N GLY A 59 -8.60 1.76 -12.34
CA GLY A 59 -9.40 2.67 -11.55
C GLY A 59 -9.38 4.06 -12.12
N TRP A 60 -8.24 4.44 -12.68
CA TRP A 60 -8.11 5.72 -13.34
C TRP A 60 -9.01 5.79 -14.56
N ILE A 61 -8.87 4.82 -15.44
CA ILE A 61 -9.46 4.96 -16.76
C ILE A 61 -10.97 4.66 -16.75
N LEU A 62 -11.40 3.84 -15.81
CA LEU A 62 -12.82 3.52 -15.69
C LEU A 62 -13.59 4.60 -14.96
N GLY A 63 -12.88 5.48 -14.26
CA GLY A 63 -13.50 6.56 -13.53
C GLY A 63 -14.07 6.12 -12.19
N ASN A 64 -13.29 5.32 -11.47
CA ASN A 64 -13.55 5.04 -10.05
C ASN A 64 -13.69 6.34 -9.25
N PRO A 65 -14.74 6.43 -8.43
CA PRO A 65 -15.08 7.70 -7.77
C PRO A 65 -14.00 8.20 -6.79
N LYS A 66 -13.14 7.31 -6.31
CA LYS A 66 -12.05 7.72 -5.44
C LYS A 66 -10.80 8.06 -6.24
N CYS A 67 -10.96 8.17 -7.55
CA CYS A 67 -9.85 8.50 -8.44
C CYS A 67 -10.16 9.81 -9.14
N ASP A 68 -11.07 10.57 -8.54
CA ASP A 68 -11.57 11.80 -9.14
C ASP A 68 -10.48 12.87 -9.23
N LEU A 69 -9.43 12.71 -8.44
CA LEU A 69 -8.24 13.56 -8.57
C LEU A 69 -7.66 13.52 -9.99
N LEU A 70 -7.84 12.38 -10.66
CA LEU A 70 -7.25 12.18 -11.98
C LEU A 70 -8.23 12.51 -13.11
N LEU A 71 -9.50 12.72 -12.76
CA LEU A 71 -10.57 12.96 -13.73
C LEU A 71 -10.26 14.11 -14.68
N GLY A 72 -10.76 14.01 -15.90
CA GLY A 72 -10.54 15.03 -16.91
C GLY A 72 -9.32 14.75 -17.76
N ASP A 73 -8.72 15.82 -18.29
CA ASP A 73 -7.63 15.68 -19.24
C ASP A 73 -6.32 15.36 -18.53
N GLN A 74 -5.43 14.66 -19.24
CA GLN A 74 -4.10 14.35 -18.72
C GLN A 74 -3.10 14.28 -19.88
N SER A 75 -1.88 14.72 -19.62
CA SER A 75 -0.79 14.61 -20.57
C SER A 75 0.41 14.06 -19.82
N TRP A 76 1.21 13.23 -20.48
CA TRP A 76 2.37 12.67 -19.80
C TRP A 76 3.51 12.29 -20.72
N SER A 77 4.72 12.38 -20.17
CA SER A 77 5.89 11.80 -20.79
C SER A 77 5.96 10.31 -20.47
N TYR A 78 5.51 9.94 -19.27
CA TYR A 78 5.39 8.54 -18.88
C TYR A 78 4.45 8.36 -17.70
N ILE A 79 4.15 7.12 -17.35
CA ILE A 79 3.16 6.85 -16.31
C ILE A 79 3.79 6.15 -15.10
N VAL A 80 3.37 6.57 -13.90
CA VAL A 80 3.84 5.96 -12.67
C VAL A 80 2.67 5.40 -11.86
N GLU A 81 2.64 4.08 -11.75
CA GLU A 81 1.66 3.39 -10.92
C GLU A 81 2.32 3.04 -9.59
N ARG A 82 1.58 3.18 -8.50
CA ARG A 82 2.15 2.87 -7.19
C ARG A 82 1.87 1.43 -6.79
N PRO A 83 2.90 0.74 -6.28
CA PRO A 83 2.90 -0.69 -5.91
C PRO A 83 1.65 -1.16 -5.18
N ASN A 84 1.13 -0.36 -4.25
CA ASN A 84 -0.01 -0.81 -3.46
C ASN A 84 -1.21 0.12 -3.56
N ALA A 85 -1.42 0.67 -4.75
CA ALA A 85 -2.58 1.53 -4.99
C ALA A 85 -3.86 0.73 -4.77
N GLN A 86 -4.82 1.35 -4.07
CA GLN A 86 -5.98 0.64 -3.58
C GLN A 86 -7.20 0.71 -4.51
N ASN A 87 -7.29 1.76 -5.31
CA ASN A 87 -8.49 1.98 -6.11
C ASN A 87 -8.33 1.58 -7.57
N GLY A 88 -9.00 0.48 -7.91
CA GLY A 88 -9.06 -0.02 -9.27
C GLY A 88 -10.49 -0.36 -9.61
N ILE A 89 -10.75 -1.63 -9.88
CA ILE A 89 -12.10 -2.08 -10.21
C ILE A 89 -12.86 -2.36 -8.92
N CYS A 90 -13.79 -1.48 -8.57
CA CYS A 90 -14.53 -1.62 -7.30
C CYS A 90 -15.63 -2.67 -7.37
N TYR A 91 -16.39 -2.71 -8.46
CA TYR A 91 -17.44 -3.71 -8.59
C TYR A 91 -16.87 -4.91 -9.29
N PRO A 92 -16.95 -6.09 -8.64
CA PRO A 92 -16.19 -7.28 -9.05
C PRO A 92 -16.48 -7.69 -10.49
N GLY A 93 -15.43 -7.99 -11.22
CA GLY A 93 -15.58 -8.38 -12.60
C GLY A 93 -14.25 -8.48 -13.29
N VAL A 94 -14.26 -8.82 -14.58
CA VAL A 94 -12.99 -8.83 -15.31
C VAL A 94 -12.93 -7.75 -16.38
N LEU A 95 -11.80 -7.06 -16.48
CA LEU A 95 -11.54 -6.22 -17.64
C LEU A 95 -10.94 -7.08 -18.74
N ASN A 96 -11.74 -7.36 -19.77
CA ASN A 96 -11.29 -8.17 -20.90
C ASN A 96 -10.10 -7.54 -21.59
N GLU A 97 -9.10 -8.35 -21.92
CA GLU A 97 -7.89 -7.91 -22.61
C GLU A 97 -7.19 -6.78 -21.86
N LEU A 98 -7.04 -6.94 -20.55
CA LEU A 98 -6.46 -5.89 -19.71
C LEU A 98 -5.04 -5.54 -20.11
N GLU A 99 -4.25 -6.56 -20.43
CA GLU A 99 -2.83 -6.39 -20.69
C GLU A 99 -2.60 -5.56 -21.94
N GLU A 100 -3.42 -5.82 -22.95
CA GLU A 100 -3.32 -5.09 -24.21
C GLU A 100 -3.81 -3.65 -24.05
N LEU A 101 -4.74 -3.44 -23.15
CA LEU A 101 -5.19 -2.09 -22.83
C LEU A 101 -4.07 -1.32 -22.13
N LYS A 102 -3.40 -1.98 -21.19
CA LYS A 102 -2.26 -1.37 -20.52
C LYS A 102 -1.16 -1.03 -21.53
N ALA A 103 -0.94 -1.90 -22.51
CA ALA A 103 0.07 -1.65 -23.53
C ALA A 103 -0.32 -0.45 -24.42
N PHE A 104 -1.59 -0.41 -24.79
CA PHE A 104 -2.12 0.66 -25.61
C PHE A 104 -2.01 2.01 -24.91
N ILE A 105 -2.39 2.06 -23.64
CA ILE A 105 -2.31 3.30 -22.90
C ILE A 105 -0.84 3.67 -22.69
N GLY A 106 0.00 2.66 -22.52
CA GLY A 106 1.43 2.87 -22.47
C GLY A 106 1.92 3.62 -23.70
N SER A 107 1.34 3.31 -24.85
CA SER A 107 1.76 3.93 -26.11
C SER A 107 1.14 5.31 -26.33
N GLY A 108 0.70 5.96 -25.26
CA GLY A 108 -0.01 7.21 -25.41
C GLY A 108 0.71 8.43 -24.86
N GLU A 109 0.06 9.58 -25.00
CA GLU A 109 0.70 10.84 -24.62
C GLU A 109 -0.28 11.78 -23.92
N ARG A 110 -1.57 11.55 -24.15
CA ARG A 110 -2.61 12.48 -23.72
C ARG A 110 -4.00 11.87 -23.86
N VAL A 111 -4.89 12.15 -22.92
CA VAL A 111 -6.31 11.85 -23.10
C VAL A 111 -7.21 13.07 -22.83
N GLU A 112 -8.27 13.22 -23.63
CA GLU A 112 -9.27 14.24 -23.40
C GLU A 112 -10.58 13.56 -23.03
N ARG A 113 -11.00 13.70 -21.78
CA ARG A 113 -12.26 13.12 -21.37
C ARG A 113 -13.39 13.93 -21.97
N PHE A 114 -14.36 13.23 -22.57
CA PHE A 114 -15.56 13.90 -23.06
C PHE A 114 -16.78 12.99 -22.90
N GLU A 115 -17.96 13.57 -23.07
CA GLU A 115 -19.19 12.82 -22.92
C GLU A 115 -19.61 12.28 -24.28
N MET A 116 -19.82 10.97 -24.34
CA MET A 116 -20.02 10.28 -25.61
C MET A 116 -21.48 9.88 -25.79
N PHE A 117 -22.11 9.52 -24.67
CA PHE A 117 -23.52 9.16 -24.67
C PHE A 117 -24.21 9.76 -23.45
N PRO A 118 -24.92 10.87 -23.64
CA PRO A 118 -25.73 11.42 -22.56
C PRO A 118 -26.82 10.43 -22.15
N LYS A 119 -27.24 10.47 -20.88
CA LYS A 119 -28.22 9.53 -20.35
C LYS A 119 -29.54 9.55 -21.14
N SER A 120 -29.80 10.69 -21.79
CA SER A 120 -30.96 10.85 -22.66
C SER A 120 -30.93 9.92 -23.86
N THR A 121 -29.74 9.48 -24.27
CA THR A 121 -29.59 8.52 -25.36
C THR A 121 -30.47 7.30 -25.16
N TRP A 122 -30.56 6.88 -23.90
CA TRP A 122 -31.25 5.65 -23.54
C TRP A 122 -32.68 5.98 -23.13
N ALA A 123 -33.62 5.51 -23.95
CA ALA A 123 -35.00 5.99 -23.84
C ALA A 123 -35.93 4.96 -23.21
N GLY A 124 -36.60 5.38 -22.14
CA GLY A 124 -37.63 4.57 -21.51
C GLY A 124 -37.07 3.67 -20.43
N VAL A 125 -36.05 4.18 -19.74
CA VAL A 125 -35.36 3.40 -18.72
C VAL A 125 -34.84 4.36 -17.65
N ASP A 126 -34.32 3.79 -16.56
CA ASP A 126 -33.89 4.62 -15.45
C ASP A 126 -32.38 4.76 -15.38
N THR A 127 -31.91 5.95 -15.73
CA THR A 127 -30.49 6.25 -15.77
C THR A 127 -29.97 6.85 -14.47
N SER A 128 -30.83 6.91 -13.46
CA SER A 128 -30.50 7.63 -12.23
C SER A 128 -30.38 6.76 -10.97
N ARG A 129 -30.58 5.45 -11.11
CA ARG A 129 -30.58 4.57 -9.95
C ARG A 129 -29.42 3.57 -9.99
N GLY A 130 -28.49 3.78 -10.91
CA GLY A 130 -27.35 2.90 -11.06
C GLY A 130 -26.21 3.10 -10.06
N VAL A 131 -26.38 2.58 -8.85
CA VAL A 131 -25.39 2.75 -7.79
C VAL A 131 -25.26 1.51 -6.91
N THR A 132 -24.12 1.39 -6.24
CA THR A 132 -23.81 0.22 -5.42
C THR A 132 -22.87 0.61 -4.27
N ASN A 133 -22.96 -0.10 -3.16
CA ASN A 133 -22.07 0.21 -2.03
C ASN A 133 -20.71 -0.45 -2.21
N ALA A 134 -20.53 -1.12 -3.35
CA ALA A 134 -19.23 -1.64 -3.74
C ALA A 134 -18.37 -0.49 -4.23
N CYS A 135 -19.01 0.56 -4.73
CA CYS A 135 -18.32 1.68 -5.36
C CYS A 135 -18.58 3.03 -4.71
N PRO A 136 -18.12 3.21 -3.45
CA PRO A 136 -18.35 4.50 -2.80
C PRO A 136 -17.44 5.62 -3.29
N SER A 137 -17.93 6.85 -3.25
CA SER A 137 -17.07 8.01 -3.41
C SER A 137 -16.63 8.45 -2.02
N TYR A 138 -15.77 9.46 -1.95
CA TYR A 138 -15.34 9.99 -0.66
C TYR A 138 -16.44 10.80 0.04
N THR A 139 -17.67 10.74 -0.50
CA THR A 139 -18.76 11.57 0.00
C THR A 139 -20.11 10.84 0.09
N LEU A 140 -20.17 9.61 -0.41
CA LEU A 140 -21.35 8.77 -0.18
C LEU A 140 -21.03 7.29 -0.30
N ASP A 141 -21.84 6.46 0.36
CA ASP A 141 -21.57 5.03 0.43
C ASP A 141 -22.03 4.24 -0.78
N SER A 142 -22.71 4.89 -1.72
CA SER A 142 -23.15 4.19 -2.92
C SER A 142 -23.14 5.06 -4.16
N SER A 143 -22.13 4.82 -5.00
CA SER A 143 -21.98 5.52 -6.26
C SER A 143 -21.64 4.50 -7.35
N PHE A 144 -20.92 4.95 -8.38
CA PHE A 144 -20.57 4.10 -9.51
C PHE A 144 -19.48 4.80 -10.30
N TYR A 145 -19.04 4.22 -11.42
CA TYR A 145 -17.97 4.80 -12.22
C TYR A 145 -18.42 6.07 -12.94
N ARG A 146 -17.54 7.05 -13.05
CA ARG A 146 -17.88 8.31 -13.69
C ARG A 146 -18.04 8.16 -15.21
N ASN A 147 -17.39 7.15 -15.78
CA ASN A 147 -17.40 6.96 -17.23
C ASN A 147 -18.39 5.91 -17.70
N LEU A 148 -19.06 5.26 -16.76
CA LEU A 148 -20.06 4.25 -17.12
C LEU A 148 -21.40 4.60 -16.48
N VAL A 149 -22.48 4.02 -17.00
CA VAL A 149 -23.79 4.24 -16.40
C VAL A 149 -24.59 2.94 -16.37
N TRP A 150 -25.17 2.64 -15.20
CA TRP A 150 -25.87 1.39 -14.97
C TRP A 150 -27.36 1.54 -15.24
N LEU A 151 -27.79 1.11 -16.42
CA LEU A 151 -29.19 1.26 -16.83
C LEU A 151 -30.09 0.20 -16.20
N VAL A 152 -31.21 0.65 -15.63
CA VAL A 152 -32.15 -0.22 -14.94
C VAL A 152 -33.58 0.14 -15.38
N LYS A 153 -34.44 -0.87 -15.51
CA LYS A 153 -35.80 -0.68 -16.01
C LYS A 153 -36.57 0.33 -15.17
N THR A 154 -37.48 1.05 -15.80
CA THR A 154 -38.19 2.13 -15.12
C THR A 154 -39.16 1.54 -14.11
N ASP A 155 -39.26 2.21 -12.97
CA ASP A 155 -39.86 1.68 -11.75
C ASP A 155 -41.25 1.02 -11.85
N SER A 156 -41.41 0.08 -12.78
CA SER A 156 -42.69 -0.60 -13.05
C SER A 156 -42.64 -1.45 -14.31
N ALA A 157 -42.58 -0.78 -15.46
CA ALA A 157 -42.66 -1.41 -16.76
C ALA A 157 -41.51 -2.38 -17.04
N THR A 158 -41.43 -2.83 -18.29
CA THR A 158 -40.36 -3.72 -18.71
C THR A 158 -39.22 -2.95 -19.35
N TYR A 159 -38.14 -3.66 -19.68
CA TYR A 159 -36.97 -3.08 -20.32
C TYR A 159 -37.17 -3.01 -21.83
N PRO A 160 -37.32 -1.79 -22.39
CA PRO A 160 -37.43 -1.65 -23.84
C PRO A 160 -36.10 -1.86 -24.53
N VAL A 161 -36.10 -2.01 -25.86
CA VAL A 161 -34.84 -1.97 -26.58
C VAL A 161 -34.33 -0.53 -26.56
N ILE A 162 -33.02 -0.35 -26.37
CA ILE A 162 -32.44 0.98 -26.35
C ILE A 162 -31.25 1.02 -27.32
N LYS A 163 -31.02 2.22 -27.86
CA LYS A 163 -30.13 2.40 -29.00
C LYS A 163 -29.31 3.68 -28.85
N GLY A 164 -28.07 3.63 -29.33
CA GLY A 164 -27.18 4.78 -29.27
C GLY A 164 -26.28 4.84 -30.49
N THR A 165 -25.93 6.05 -30.91
CA THR A 165 -24.97 6.20 -32.00
C THR A 165 -23.96 7.29 -31.68
N TYR A 166 -22.69 7.03 -31.99
CA TYR A 166 -21.72 8.11 -32.02
C TYR A 166 -20.87 8.00 -33.29
N ASN A 167 -20.97 9.02 -34.13
CA ASN A 167 -20.19 9.09 -35.35
C ASN A 167 -18.93 9.91 -35.08
N ASN A 168 -17.77 9.25 -35.13
CA ASN A 168 -16.50 9.92 -34.86
C ASN A 168 -16.05 10.73 -36.07
N THR A 169 -16.53 11.97 -36.15
CA THR A 169 -16.24 12.81 -37.29
C THR A 169 -14.93 13.58 -37.08
N GLY A 170 -14.27 13.34 -35.95
CA GLY A 170 -13.05 14.05 -35.61
C GLY A 170 -11.81 13.35 -36.11
N THR A 171 -10.65 13.92 -35.81
CA THR A 171 -9.38 13.40 -36.32
C THR A 171 -8.64 12.48 -35.35
N GLN A 172 -9.24 12.22 -34.20
CA GLN A 172 -8.59 11.45 -33.15
C GLN A 172 -9.36 10.17 -32.81
N PRO A 173 -8.63 9.09 -32.52
CA PRO A 173 -9.24 7.85 -32.06
C PRO A 173 -9.84 7.99 -30.65
N ILE A 174 -10.92 7.26 -30.38
CA ILE A 174 -11.60 7.35 -29.09
C ILE A 174 -11.55 6.04 -28.31
N LEU A 175 -11.00 6.11 -27.10
CA LEU A 175 -10.98 4.97 -26.21
C LEU A 175 -12.26 5.00 -25.40
N TYR A 176 -12.95 3.86 -25.32
CA TYR A 176 -14.21 3.83 -24.59
C TYR A 176 -14.49 2.47 -24.00
N PHE A 177 -15.44 2.44 -23.07
CA PHE A 177 -15.66 1.26 -22.25
C PHE A 177 -17.14 0.96 -22.08
N TRP A 178 -17.45 -0.30 -21.85
CA TRP A 178 -18.81 -0.69 -21.51
C TRP A 178 -18.77 -1.99 -20.74
N GLY A 179 -19.94 -2.51 -20.35
CA GLY A 179 -19.94 -3.73 -19.59
C GLY A 179 -21.20 -4.53 -19.72
N VAL A 180 -21.11 -5.78 -19.28
CA VAL A 180 -22.28 -6.63 -19.15
C VAL A 180 -22.41 -7.05 -17.71
N HIS A 181 -23.61 -6.86 -17.15
CA HIS A 181 -23.87 -7.24 -15.77
C HIS A 181 -24.32 -8.68 -15.67
N HIS A 182 -23.56 -9.48 -14.90
CA HIS A 182 -23.91 -10.86 -14.65
C HIS A 182 -24.46 -11.04 -13.24
N PRO A 183 -25.79 -11.18 -13.11
CA PRO A 183 -26.50 -11.27 -11.84
C PRO A 183 -26.33 -12.63 -11.17
N PRO A 184 -26.64 -12.74 -9.87
CA PRO A 184 -26.37 -14.00 -9.16
C PRO A 184 -27.52 -15.00 -9.23
N ASP A 185 -28.74 -14.55 -9.54
CA ASP A 185 -29.90 -15.43 -9.61
C ASP A 185 -31.02 -14.84 -10.47
N THR A 186 -32.04 -15.64 -10.74
CA THR A 186 -33.15 -15.25 -11.61
C THR A 186 -33.93 -14.04 -11.11
N THR A 187 -34.12 -13.96 -9.80
CA THR A 187 -35.00 -12.96 -9.22
C THR A 187 -34.36 -11.58 -9.27
N VAL A 188 -33.05 -11.50 -9.11
CA VAL A 188 -32.33 -10.23 -9.23
C VAL A 188 -32.37 -9.74 -10.69
N GLN A 189 -32.04 -10.65 -11.60
CA GLN A 189 -32.22 -10.42 -13.03
C GLN A 189 -33.58 -9.81 -13.34
N ASP A 190 -34.62 -10.37 -12.73
CA ASP A 190 -35.97 -9.89 -13.00
C ASP A 190 -36.26 -8.55 -12.31
N ASN A 191 -35.75 -8.38 -11.09
CA ASN A 191 -35.92 -7.13 -10.35
C ASN A 191 -35.25 -5.94 -11.03
N LEU A 192 -34.19 -6.21 -11.80
CA LEU A 192 -33.44 -5.13 -12.44
C LEU A 192 -33.87 -4.92 -13.89
N TYR A 193 -33.95 -6.01 -14.65
CA TYR A 193 -34.15 -5.91 -16.10
C TYR A 193 -35.45 -6.54 -16.60
N GLY A 194 -36.22 -7.12 -15.70
CA GLY A 194 -37.43 -7.85 -16.05
C GLY A 194 -37.11 -9.18 -16.70
N SER A 195 -38.13 -9.93 -17.08
CA SER A 195 -37.94 -11.28 -17.63
C SER A 195 -37.61 -11.28 -19.12
N GLY A 196 -37.48 -12.48 -19.68
CA GLY A 196 -37.19 -12.64 -21.09
C GLY A 196 -35.70 -12.64 -21.41
N ASP A 197 -35.33 -13.27 -22.53
CA ASP A 197 -33.92 -13.38 -22.93
C ASP A 197 -33.33 -12.02 -23.27
N LYS A 198 -32.14 -11.74 -22.73
CA LYS A 198 -31.52 -10.43 -22.88
C LYS A 198 -30.21 -10.47 -23.65
N TYR A 199 -29.90 -9.39 -24.35
CA TYR A 199 -28.66 -9.30 -25.11
C TYR A 199 -28.05 -7.90 -25.04
N VAL A 200 -26.75 -7.82 -25.32
CA VAL A 200 -26.06 -6.56 -25.51
C VAL A 200 -25.23 -6.66 -26.77
N ARG A 201 -25.40 -5.68 -27.66
CA ARG A 201 -24.72 -5.71 -28.94
C ARG A 201 -24.18 -4.36 -29.35
N MET A 202 -23.05 -4.38 -30.03
CA MET A 202 -22.35 -3.16 -30.43
C MET A 202 -21.67 -3.34 -31.77
N GLY A 203 -21.86 -2.37 -32.65
CA GLY A 203 -21.32 -2.46 -33.99
C GLY A 203 -20.53 -1.24 -34.41
N THR A 204 -19.42 -1.48 -35.10
CA THR A 204 -18.70 -0.43 -35.82
C THR A 204 -18.36 -0.97 -37.20
N GLU A 205 -17.65 -0.17 -37.99
CA GLU A 205 -17.24 -0.60 -39.32
C GLU A 205 -16.33 -1.83 -39.26
N SER A 206 -15.49 -1.90 -38.24
CA SER A 206 -14.47 -2.95 -38.18
C SER A 206 -14.52 -3.75 -36.88
N MET A 207 -15.67 -3.75 -36.23
CA MET A 207 -15.83 -4.52 -35.01
C MET A 207 -17.30 -4.75 -34.71
N ASN A 208 -17.65 -5.96 -34.29
CA ASN A 208 -18.97 -6.17 -33.72
C ASN A 208 -18.86 -7.01 -32.47
N PHE A 209 -19.95 -7.04 -31.72
CA PHE A 209 -19.93 -7.57 -30.37
C PHE A 209 -21.34 -7.97 -30.01
N ALA A 210 -21.48 -9.20 -29.50
CA ALA A 210 -22.73 -9.64 -28.91
C ALA A 210 -22.44 -10.46 -27.66
N LYS A 211 -23.27 -10.29 -26.64
CA LYS A 211 -23.14 -11.09 -25.42
C LYS A 211 -24.43 -11.09 -24.61
N SER A 212 -24.69 -12.22 -23.96
CA SER A 212 -25.87 -12.36 -23.09
C SER A 212 -25.41 -12.53 -21.65
N PRO A 213 -26.33 -12.46 -20.68
CA PRO A 213 -25.90 -12.66 -19.30
C PRO A 213 -25.46 -14.09 -19.02
N GLU A 214 -24.66 -14.24 -17.95
CA GLU A 214 -24.09 -15.52 -17.58
C GLU A 214 -24.44 -15.75 -16.12
N ILE A 215 -25.73 -15.86 -15.86
CA ILE A 215 -26.28 -15.82 -14.51
C ILE A 215 -25.90 -17.01 -13.65
N ALA A 216 -25.19 -16.74 -12.57
CA ALA A 216 -24.85 -17.74 -11.55
C ALA A 216 -24.39 -17.06 -10.27
N ALA A 217 -24.33 -17.83 -9.18
CA ALA A 217 -23.89 -17.29 -7.90
C ALA A 217 -22.39 -17.48 -7.72
N ARG A 218 -21.70 -16.38 -7.44
CA ARG A 218 -20.25 -16.40 -7.28
C ARG A 218 -19.89 -16.07 -5.84
N PRO A 219 -18.63 -16.34 -5.44
CA PRO A 219 -18.19 -15.93 -4.10
C PRO A 219 -18.36 -14.43 -3.89
N ALA A 220 -18.66 -14.01 -2.66
CA ALA A 220 -18.77 -12.60 -2.33
C ALA A 220 -17.45 -11.88 -2.53
N VAL A 221 -17.50 -10.79 -3.28
CA VAL A 221 -16.37 -9.87 -3.44
C VAL A 221 -16.89 -8.44 -3.30
N ASN A 222 -16.24 -7.65 -2.46
CA ASN A 222 -16.80 -6.39 -1.98
C ASN A 222 -18.30 -6.48 -1.73
N GLY A 223 -18.72 -7.55 -1.06
CA GLY A 223 -20.11 -7.78 -0.74
C GLY A 223 -21.03 -8.02 -1.92
N GLN A 224 -20.45 -8.31 -3.08
CA GLN A 224 -21.25 -8.59 -4.26
C GLN A 224 -21.04 -10.03 -4.74
N ARG A 225 -22.13 -10.70 -5.08
CA ARG A 225 -22.05 -12.04 -5.66
C ARG A 225 -22.28 -11.95 -7.18
N SER A 226 -22.66 -10.76 -7.65
CA SER A 226 -22.73 -10.48 -9.07
C SER A 226 -21.36 -10.18 -9.63
N ARG A 227 -21.25 -10.18 -10.96
CA ARG A 227 -20.03 -9.76 -11.62
C ARG A 227 -20.31 -8.73 -12.71
N ILE A 228 -19.27 -8.06 -13.20
CA ILE A 228 -19.38 -7.31 -14.45
C ILE A 228 -18.23 -7.65 -15.40
N ASP A 229 -18.60 -7.93 -16.65
CA ASP A 229 -17.57 -8.07 -17.68
C ASP A 229 -17.35 -6.71 -18.32
N TYR A 230 -16.16 -6.17 -18.10
CA TYR A 230 -15.77 -4.89 -18.63
C TYR A 230 -15.12 -5.09 -19.98
N TYR A 231 -15.35 -4.14 -20.89
CA TYR A 231 -14.79 -4.20 -22.23
C TYR A 231 -14.33 -2.81 -22.66
N TRP A 232 -13.31 -2.79 -23.50
CA TRP A 232 -12.75 -1.55 -23.97
C TRP A 232 -12.49 -1.63 -25.48
N SER A 233 -12.63 -0.50 -26.16
CA SER A 233 -12.28 -0.48 -27.58
C SER A 233 -11.88 0.91 -28.04
N VAL A 234 -11.44 0.98 -29.29
CA VAL A 234 -11.05 2.24 -29.89
C VAL A 234 -11.82 2.49 -31.17
N LEU A 235 -12.64 3.53 -31.14
CA LEU A 235 -13.37 4.02 -32.31
C LEU A 235 -12.43 4.89 -33.14
N ARG A 236 -12.04 4.42 -34.31
CA ARG A 236 -11.10 5.15 -35.16
C ARG A 236 -11.74 6.38 -35.81
N PRO A 237 -10.90 7.35 -36.24
CA PRO A 237 -11.43 8.50 -36.97
C PRO A 237 -12.16 8.04 -38.23
N GLY A 238 -13.41 8.46 -38.38
CA GLY A 238 -14.22 8.04 -39.50
C GLY A 238 -15.22 6.96 -39.11
N GLU A 239 -14.86 6.12 -38.15
CA GLU A 239 -15.76 5.06 -37.74
C GLU A 239 -16.90 5.62 -36.91
N THR A 240 -17.98 4.84 -36.79
CA THR A 240 -19.11 5.24 -35.97
C THR A 240 -19.67 4.01 -35.26
N LEU A 241 -20.18 4.22 -34.04
CA LEU A 241 -20.60 3.10 -33.19
C LEU A 241 -22.09 3.08 -32.92
N ASN A 242 -22.67 1.89 -33.08
CA ASN A 242 -24.07 1.63 -32.76
C ASN A 242 -24.16 0.74 -31.52
N VAL A 243 -24.99 1.17 -30.58
CA VAL A 243 -25.21 0.47 -29.33
C VAL A 243 -26.65 0.01 -29.30
N GLU A 244 -26.86 -1.25 -28.94
CA GLU A 244 -28.22 -1.77 -28.92
C GLU A 244 -28.34 -2.81 -27.82
N SER A 245 -29.27 -2.58 -26.89
CA SER A 245 -29.46 -3.55 -25.82
C SER A 245 -30.89 -3.59 -25.29
N ASN A 246 -31.33 -4.76 -24.86
CA ASN A 246 -32.64 -4.88 -24.23
C ASN A 246 -32.52 -5.32 -22.77
N GLY A 247 -31.32 -5.19 -22.20
CA GLY A 247 -31.11 -5.54 -20.82
C GLY A 247 -29.65 -5.73 -20.44
N ASN A 248 -29.35 -5.51 -19.16
CA ASN A 248 -28.03 -5.78 -18.57
C ASN A 248 -26.88 -4.96 -19.15
N LEU A 249 -27.18 -3.77 -19.65
CA LEU A 249 -26.13 -2.95 -20.27
C LEU A 249 -25.55 -1.94 -19.29
N ILE A 250 -24.24 -2.02 -19.11
CA ILE A 250 -23.51 -0.96 -18.42
C ILE A 250 -22.99 -0.08 -19.53
N ALA A 251 -23.70 1.02 -19.77
CA ALA A 251 -23.53 1.77 -21.01
C ALA A 251 -22.38 2.75 -20.89
N PRO A 252 -21.66 2.93 -22.00
CA PRO A 252 -20.64 3.98 -22.02
C PRO A 252 -21.30 5.33 -21.81
N TRP A 253 -20.58 6.23 -21.16
CA TRP A 253 -21.11 7.53 -20.83
C TRP A 253 -20.04 8.55 -21.19
N TYR A 254 -18.92 8.49 -20.46
CA TYR A 254 -17.76 9.27 -20.86
C TYR A 254 -16.70 8.42 -21.53
N ALA A 255 -15.90 9.05 -22.38
CA ALA A 255 -14.87 8.35 -23.12
C ALA A 255 -13.68 9.29 -23.30
N TYR A 256 -12.64 8.81 -23.96
CA TYR A 256 -11.42 9.59 -24.07
C TYR A 256 -10.98 9.76 -25.52
N LYS A 257 -10.58 10.98 -25.87
CA LYS A 257 -9.86 11.22 -27.11
C LYS A 257 -8.40 10.95 -26.84
N PHE A 258 -7.80 10.09 -27.65
CA PHE A 258 -6.49 9.54 -27.35
C PHE A 258 -5.43 10.01 -28.33
N VAL A 259 -4.23 10.32 -27.83
CA VAL A 259 -3.12 10.71 -28.69
C VAL A 259 -1.99 9.68 -28.65
N SER A 260 -1.79 9.00 -29.78
CA SER A 260 -0.79 7.95 -29.90
C SER A 260 0.59 8.56 -30.10
N THR A 261 1.57 8.05 -29.36
CA THR A 261 2.94 8.55 -29.43
C THR A 261 3.85 8.12 -30.59
N ASN A 262 3.70 6.89 -31.08
CA ASN A 262 4.56 6.31 -32.14
C ASN A 262 6.00 6.07 -31.65
N LYS A 263 6.38 6.70 -30.55
CA LYS A 263 7.62 6.38 -29.84
C LYS A 263 7.39 5.24 -28.86
N LYS A 264 8.33 5.01 -27.95
CA LYS A 264 8.30 3.81 -27.11
C LYS A 264 7.16 3.85 -26.09
N GLY A 265 7.24 4.73 -25.09
CA GLY A 265 6.22 4.78 -24.05
C GLY A 265 6.51 3.87 -22.86
N ALA A 266 6.37 4.42 -21.65
CA ALA A 266 6.66 3.64 -20.44
C ALA A 266 5.60 3.75 -19.35
N VAL A 267 5.31 2.62 -18.69
CA VAL A 267 4.51 2.58 -17.47
C VAL A 267 5.34 1.96 -16.36
N PHE A 268 5.73 2.77 -15.39
CA PHE A 268 6.62 2.32 -14.32
C PHE A 268 5.85 1.95 -13.05
N LYS A 269 6.05 0.73 -12.57
CA LYS A 269 5.58 0.35 -11.25
C LYS A 269 6.68 0.66 -10.24
N SER A 270 6.45 1.67 -9.41
CA SER A 270 7.50 2.14 -8.50
C SER A 270 6.96 3.09 -7.42
N ASP A 271 7.77 3.29 -6.37
CA ASP A 271 7.36 4.11 -5.24
C ASP A 271 8.24 5.34 -5.07
N LEU A 272 9.14 5.55 -6.04
CA LEU A 272 10.05 6.70 -5.98
C LEU A 272 9.27 8.00 -6.11
N PRO A 273 9.75 9.05 -5.45
CA PRO A 273 9.00 10.31 -5.52
C PRO A 273 9.20 11.02 -6.85
N ILE A 274 8.17 11.71 -7.31
CA ILE A 274 8.29 12.54 -8.50
C ILE A 274 8.62 13.96 -8.07
N GLU A 275 9.76 14.46 -8.53
CA GLU A 275 10.24 15.77 -8.11
C GLU A 275 10.27 16.71 -9.30
N ASN A 276 10.27 18.01 -9.04
CA ASN A 276 10.22 19.00 -10.11
C ASN A 276 11.61 19.31 -10.66
N CYS A 277 12.24 18.29 -11.25
CA CYS A 277 13.55 18.45 -11.88
C CYS A 277 13.48 18.07 -13.36
N ASP A 278 14.61 18.12 -14.05
CA ASP A 278 14.67 17.75 -15.47
C ASP A 278 15.67 16.61 -15.71
N ALA A 279 15.51 15.93 -16.84
CA ALA A 279 16.29 14.73 -17.13
C ALA A 279 16.20 14.36 -18.62
N THR A 280 17.27 13.77 -19.14
CA THR A 280 17.28 13.32 -20.52
C THR A 280 17.32 11.79 -20.61
N CYS A 281 17.29 11.15 -19.45
CA CYS A 281 17.32 9.69 -19.38
C CYS A 281 16.70 9.24 -18.07
N GLN A 282 15.68 8.40 -18.12
CA GLN A 282 14.94 8.08 -16.91
C GLN A 282 14.64 6.58 -16.76
N THR A 283 15.38 5.91 -15.89
CA THR A 283 15.13 4.51 -15.60
C THR A 283 14.07 4.36 -14.51
N ILE A 284 13.56 3.13 -14.36
CA ILE A 284 12.60 2.80 -13.30
C ILE A 284 13.30 2.87 -11.94
N ALA A 285 14.62 2.83 -11.95
CA ALA A 285 15.43 2.81 -10.75
C ALA A 285 15.88 4.22 -10.36
N GLY A 286 15.88 5.13 -11.33
CA GLY A 286 16.31 6.50 -11.08
C GLY A 286 16.76 7.21 -12.34
N VAL A 287 17.28 8.42 -12.16
CA VAL A 287 17.80 9.22 -13.27
C VAL A 287 19.29 9.00 -13.50
N LEU A 288 19.69 8.92 -14.76
CA LEU A 288 21.11 8.94 -15.09
C LEU A 288 21.50 10.25 -15.75
N LYS A 289 22.48 10.92 -15.17
CA LYS A 289 23.09 12.09 -15.78
C LYS A 289 24.52 11.73 -16.14
N THR A 290 24.72 11.26 -17.37
CA THR A 290 26.04 10.80 -17.77
C THR A 290 26.35 11.05 -19.23
N ASN A 291 27.64 10.96 -19.55
CA ASN A 291 28.10 10.95 -20.92
C ASN A 291 28.74 9.61 -21.23
N LYS A 292 28.59 8.66 -20.31
CA LYS A 292 29.24 7.36 -20.44
C LYS A 292 28.43 6.42 -21.32
N THR A 293 29.11 5.38 -21.81
CA THR A 293 28.55 4.46 -22.80
C THR A 293 27.71 3.35 -22.19
N PHE A 294 28.09 2.89 -21.01
CA PHE A 294 27.37 1.78 -20.38
C PHE A 294 26.75 2.19 -19.06
N GLN A 295 25.86 1.35 -18.55
CA GLN A 295 25.24 1.56 -17.25
C GLN A 295 24.79 0.22 -16.67
N ASN A 296 24.72 0.13 -15.35
CA ASN A 296 24.27 -1.11 -14.72
C ASN A 296 23.13 -0.91 -13.73
N VAL A 297 22.43 0.21 -13.87
CA VAL A 297 21.29 0.51 -13.00
C VAL A 297 20.04 -0.29 -13.39
N SER A 298 19.56 -0.11 -14.62
CA SER A 298 18.32 -0.76 -15.03
C SER A 298 18.18 -0.89 -16.55
N PRO A 299 17.53 -1.97 -17.01
CA PRO A 299 17.21 -2.19 -18.42
C PRO A 299 15.94 -1.45 -18.85
N LEU A 300 15.16 -0.99 -17.89
CA LEU A 300 13.90 -0.31 -18.20
C LEU A 300 14.04 1.20 -18.12
N TRP A 301 13.92 1.87 -19.27
CA TRP A 301 13.99 3.32 -19.26
C TRP A 301 13.13 4.00 -20.32
N ILE A 302 12.96 5.30 -20.16
CA ILE A 302 12.45 6.17 -21.20
C ILE A 302 13.50 7.25 -21.47
N GLY A 303 13.62 7.71 -22.71
CA GLY A 303 14.62 8.70 -23.06
C GLY A 303 15.91 8.10 -23.60
N GLU A 304 16.98 8.90 -23.65
CA GLU A 304 18.25 8.48 -24.24
C GLU A 304 19.23 7.98 -23.19
N CYS A 305 19.36 6.67 -23.06
CA CYS A 305 20.17 6.07 -21.99
C CYS A 305 21.34 5.24 -22.51
N PRO A 306 22.39 5.09 -21.67
CA PRO A 306 23.48 4.19 -22.03
C PRO A 306 23.02 2.74 -22.07
N LYS A 307 23.78 1.90 -22.79
CA LYS A 307 23.44 0.49 -22.95
C LYS A 307 23.53 -0.26 -21.62
N TYR A 308 22.43 -0.86 -21.19
CA TYR A 308 22.43 -1.60 -19.93
C TYR A 308 23.27 -2.86 -20.02
N VAL A 309 23.95 -3.17 -18.92
CA VAL A 309 24.98 -4.20 -18.89
C VAL A 309 25.21 -4.65 -17.45
N LYS A 310 25.68 -5.88 -17.26
CA LYS A 310 25.78 -6.45 -15.91
C LYS A 310 27.11 -6.17 -15.22
N SER A 311 28.08 -5.69 -15.98
CA SER A 311 29.42 -5.39 -15.46
C SER A 311 29.44 -4.47 -14.25
N GLU A 312 30.47 -4.65 -13.41
CA GLU A 312 30.74 -3.77 -12.29
C GLU A 312 31.55 -2.57 -12.80
N SER A 313 32.61 -2.86 -13.53
CA SER A 313 33.44 -1.83 -14.13
C SER A 313 33.76 -2.18 -15.57
N LEU A 314 33.97 -1.16 -16.38
CA LEU A 314 34.45 -1.34 -17.73
C LEU A 314 35.53 -0.32 -17.98
N ARG A 315 36.68 -0.57 -17.37
CA ARG A 315 37.76 0.40 -17.33
C ARG A 315 38.74 0.15 -18.48
N LEU A 316 39.00 1.21 -19.25
CA LEU A 316 39.80 1.09 -20.45
C LEU A 316 41.09 1.89 -20.34
N ALA A 317 42.21 1.18 -20.44
CA ALA A 317 43.53 1.81 -20.33
C ALA A 317 43.86 2.63 -21.57
N THR A 318 44.33 3.85 -21.37
CA THR A 318 44.73 4.72 -22.47
C THR A 318 46.21 5.08 -22.38
N GLY A 319 46.70 5.22 -21.15
CA GLY A 319 48.11 5.47 -20.92
C GLY A 319 48.87 4.17 -20.78
N LEU A 320 50.15 4.27 -20.46
CA LEU A 320 50.99 3.08 -20.37
C LEU A 320 51.10 2.56 -18.95
N ARG A 321 51.78 1.43 -18.80
CA ARG A 321 51.93 0.78 -17.51
C ARG A 321 52.72 1.69 -16.57
N ASN A 322 52.23 1.84 -15.34
CA ASN A 322 52.87 2.76 -14.40
C ASN A 322 53.97 2.07 -13.60
N VAL A 323 55.20 2.58 -13.74
CA VAL A 323 56.34 2.02 -13.01
C VAL A 323 57.17 3.13 -12.37
N PRO A 324 56.63 3.78 -11.33
CA PRO A 324 57.43 4.78 -10.62
C PRO A 324 58.40 4.10 -9.66
N GLN A 325 59.35 4.86 -9.13
CA GLN A 325 60.41 4.29 -8.29
C GLN A 325 61.26 5.38 -7.66
N GLY B 1 56.42 -6.38 -21.15
CA GLY B 1 56.06 -6.09 -22.53
C GLY B 1 56.65 -7.09 -23.51
N ILE B 2 55.92 -7.36 -24.59
CA ILE B 2 56.38 -8.32 -25.58
C ILE B 2 57.48 -7.76 -26.46
N PHE B 3 57.63 -6.43 -26.46
CA PHE B 3 58.74 -5.80 -27.14
C PHE B 3 59.91 -5.54 -26.17
N GLY B 4 59.77 -6.03 -24.95
CA GLY B 4 60.88 -6.07 -24.02
C GLY B 4 61.23 -4.77 -23.31
N ALA B 5 60.63 -3.66 -23.75
CA ALA B 5 61.05 -2.33 -23.31
C ALA B 5 60.52 -1.94 -21.93
N ILE B 6 59.22 -1.66 -21.86
CA ILE B 6 58.61 -1.14 -20.62
C ILE B 6 58.62 -2.20 -19.53
N ALA B 7 59.06 -1.80 -18.34
CA ALA B 7 59.37 -2.73 -17.25
C ALA B 7 60.10 -3.97 -17.77
N GLY B 8 61.05 -3.73 -18.68
CA GLY B 8 61.90 -4.79 -19.22
C GLY B 8 63.36 -4.42 -19.05
N PHE B 9 64.02 -4.05 -20.15
CA PHE B 9 65.40 -3.60 -20.05
C PHE B 9 65.44 -2.13 -19.59
N ILE B 10 64.42 -1.35 -19.96
CA ILE B 10 64.17 -0.10 -19.26
C ILE B 10 63.27 -0.41 -18.07
N GLU B 11 63.90 -0.52 -16.90
CA GLU B 11 63.28 -1.17 -15.74
C GLU B 11 62.17 -0.37 -15.06
N GLY B 12 62.12 0.93 -15.34
CA GLY B 12 61.14 1.78 -14.67
C GLY B 12 60.92 3.09 -15.39
N GLY B 13 60.14 3.97 -14.76
CA GLY B 13 59.69 5.19 -15.42
C GLY B 13 60.00 6.47 -14.67
N TRP B 14 60.04 7.57 -15.42
CA TRP B 14 60.39 8.86 -14.88
C TRP B 14 59.16 9.71 -14.55
N THR B 15 58.83 9.79 -13.26
CA THR B 15 57.84 10.75 -12.80
C THR B 15 58.25 12.18 -13.13
N GLY B 16 59.54 12.39 -13.36
CA GLY B 16 60.07 13.66 -13.81
C GLY B 16 59.45 14.20 -15.09
N MET B 17 59.28 13.34 -16.09
CA MET B 17 58.75 13.75 -17.38
C MET B 17 57.23 13.90 -17.34
N ILE B 18 56.76 15.14 -17.27
CA ILE B 18 55.34 15.42 -17.09
C ILE B 18 54.67 16.06 -18.30
N ASP B 19 55.32 15.99 -19.46
CA ASP B 19 54.81 16.66 -20.65
C ASP B 19 54.68 15.74 -21.86
N GLY B 20 54.71 14.43 -21.60
CA GLY B 20 54.56 13.44 -22.64
C GLY B 20 54.60 12.02 -22.12
N TRP B 21 54.25 11.06 -22.97
CA TRP B 21 54.30 9.65 -22.59
C TRP B 21 55.71 9.09 -22.76
N TYR B 22 56.33 9.38 -23.91
CA TYR B 22 57.68 8.90 -24.21
C TYR B 22 58.63 10.09 -24.38
N GLY B 23 59.89 9.93 -23.99
CA GLY B 23 60.85 11.00 -24.19
C GLY B 23 62.32 10.79 -23.80
N TYR B 24 62.92 11.86 -23.30
CA TYR B 24 64.37 11.93 -23.10
C TYR B 24 64.81 12.52 -21.76
N HIS B 25 65.97 12.08 -21.31
CA HIS B 25 66.70 12.68 -20.20
C HIS B 25 68.18 12.80 -20.55
N HIS B 26 68.55 13.92 -21.16
CA HIS B 26 69.94 14.16 -21.56
C HIS B 26 70.80 14.50 -20.36
N GLU B 27 72.12 14.58 -20.58
CA GLU B 27 73.05 14.89 -19.51
C GLU B 27 74.37 15.45 -20.06
N ASN B 28 74.56 16.75 -19.92
CA ASN B 28 75.75 17.40 -20.45
C ASN B 28 76.23 18.60 -19.63
N SER B 29 77.19 19.33 -20.17
CA SER B 29 77.87 20.40 -19.45
C SER B 29 77.00 21.60 -19.04
N GLN B 30 75.89 21.84 -19.75
CA GLN B 30 74.99 22.92 -19.37
C GLN B 30 74.04 22.49 -18.26
N GLY B 31 73.90 21.18 -18.11
CA GLY B 31 72.98 20.62 -17.14
C GLY B 31 72.21 19.47 -17.75
N SER B 32 71.23 18.95 -17.02
CA SER B 32 70.36 17.90 -17.54
C SER B 32 68.95 18.41 -17.73
N GLY B 33 67.98 17.52 -17.56
CA GLY B 33 66.59 17.90 -17.70
C GLY B 33 65.82 16.90 -18.52
N TYR B 34 64.51 16.88 -18.33
CA TYR B 34 63.65 15.96 -19.07
C TYR B 34 62.98 16.69 -20.23
N ALA B 35 62.63 15.95 -21.27
CA ALA B 35 61.86 16.52 -22.39
C ALA B 35 61.25 15.42 -23.23
N ALA B 36 59.95 15.51 -23.50
CA ALA B 36 59.23 14.44 -24.18
C ALA B 36 59.31 14.53 -25.70
N ASP B 37 59.31 13.38 -26.35
CA ASP B 37 59.29 13.32 -27.81
C ASP B 37 57.87 13.55 -28.30
N ARG B 38 57.54 14.81 -28.57
CA ARG B 38 56.17 15.21 -28.89
C ARG B 38 55.57 14.52 -30.11
N GLU B 39 56.42 14.07 -31.03
CA GLU B 39 55.93 13.46 -32.27
C GLU B 39 55.28 12.10 -32.02
N SER B 40 56.03 11.16 -31.48
CA SER B 40 55.52 9.80 -31.25
C SER B 40 54.49 9.78 -30.12
N THR B 41 54.58 10.77 -29.25
CA THR B 41 53.56 10.99 -28.24
C THR B 41 52.25 11.36 -28.94
N GLN B 42 52.23 12.44 -29.69
CA GLN B 42 51.02 12.88 -30.37
C GLN B 42 50.46 11.80 -31.31
N LYS B 43 51.35 10.96 -31.84
CA LYS B 43 50.91 9.83 -32.65
C LYS B 43 50.13 8.84 -31.82
N ALA B 44 50.72 8.43 -30.69
CA ALA B 44 50.06 7.51 -29.79
C ALA B 44 48.71 8.07 -29.34
N ILE B 45 48.74 9.33 -28.88
CA ILE B 45 47.54 10.04 -28.45
C ILE B 45 46.42 10.03 -29.49
N ASP B 46 46.76 10.31 -30.75
CA ASP B 46 45.74 10.31 -31.79
C ASP B 46 45.20 8.90 -32.06
N GLY B 47 46.11 7.94 -32.20
CA GLY B 47 45.70 6.57 -32.39
C GLY B 47 44.79 6.01 -31.30
N ILE B 48 45.03 6.42 -30.05
CA ILE B 48 44.33 5.84 -28.91
C ILE B 48 43.02 6.58 -28.63
N THR B 49 43.02 7.88 -28.89
CA THR B 49 41.77 8.63 -28.93
C THR B 49 40.86 8.00 -29.97
N ASN B 50 41.46 7.61 -31.09
CA ASN B 50 40.72 6.96 -32.16
C ASN B 50 40.15 5.63 -31.71
N LYS B 51 40.96 4.81 -31.07
CA LYS B 51 40.49 3.54 -30.52
C LYS B 51 39.28 3.75 -29.61
N VAL B 52 39.42 4.67 -28.66
CA VAL B 52 38.35 4.93 -27.69
C VAL B 52 37.07 5.42 -28.37
N ASN B 53 37.20 6.34 -29.31
CA ASN B 53 36.02 6.87 -29.98
C ASN B 53 35.34 5.86 -30.91
N SER B 54 36.13 4.96 -31.49
CA SER B 54 35.58 3.90 -32.31
C SER B 54 34.82 2.91 -31.44
N ILE B 55 35.38 2.62 -30.26
CA ILE B 55 34.73 1.70 -29.34
C ILE B 55 33.41 2.29 -28.83
N ILE B 56 33.43 3.55 -28.41
CA ILE B 56 32.20 4.21 -27.99
C ILE B 56 31.18 4.25 -29.12
N ASN B 57 31.65 4.51 -30.35
CA ASN B 57 30.76 4.62 -31.49
C ASN B 57 30.06 3.31 -31.82
N LYS B 58 30.82 2.22 -31.89
CA LYS B 58 30.25 0.91 -32.18
C LYS B 58 29.26 0.44 -31.12
N MET B 59 29.40 0.98 -29.91
CA MET B 59 28.57 0.58 -28.78
C MET B 59 27.35 1.49 -28.61
N ASN B 60 27.01 2.22 -29.67
CA ASN B 60 25.97 3.22 -29.57
C ASN B 60 24.61 2.72 -30.04
N THR B 61 24.23 1.55 -29.53
CA THR B 61 22.87 1.05 -29.66
C THR B 61 22.42 0.49 -28.32
N GLN B 62 21.13 0.48 -28.07
CA GLN B 62 20.62 -0.13 -26.85
C GLN B 62 19.49 -1.10 -27.15
N PHE B 63 19.63 -2.34 -26.69
CA PHE B 63 18.47 -3.22 -26.64
C PHE B 63 17.55 -2.66 -25.57
N GLU B 64 16.23 -2.72 -25.81
CA GLU B 64 15.30 -2.04 -24.95
C GLU B 64 14.20 -2.94 -24.39
N ALA B 65 14.29 -3.24 -23.10
CA ALA B 65 13.27 -4.02 -22.41
C ALA B 65 11.95 -3.28 -22.34
N VAL B 66 10.87 -4.00 -22.03
CA VAL B 66 9.56 -3.38 -21.92
C VAL B 66 8.77 -3.84 -20.70
N ASP B 67 8.01 -2.91 -20.14
CA ASP B 67 7.09 -3.13 -19.02
C ASP B 67 5.85 -3.99 -19.31
N HIS B 68 5.78 -4.62 -20.48
CA HIS B 68 4.57 -5.35 -20.86
C HIS B 68 4.21 -6.46 -19.89
N GLU B 69 2.91 -6.61 -19.62
CA GLU B 69 2.41 -7.56 -18.64
C GLU B 69 1.74 -8.75 -19.33
N PHE B 70 1.75 -9.90 -18.67
CA PHE B 70 1.18 -11.10 -19.25
C PHE B 70 0.27 -11.84 -18.27
N SER B 71 -0.90 -12.25 -18.75
CA SER B 71 -1.88 -12.91 -17.91
C SER B 71 -1.42 -14.29 -17.41
N ASN B 72 -2.30 -14.97 -16.68
CA ASN B 72 -2.01 -16.32 -16.20
C ASN B 72 -1.94 -17.36 -17.31
N LEU B 73 -2.68 -17.12 -18.40
CA LEU B 73 -2.66 -18.04 -19.53
C LEU B 73 -1.70 -17.57 -20.61
N GLU B 74 -0.82 -16.63 -20.27
CA GLU B 74 0.20 -16.16 -21.20
C GLU B 74 1.59 -16.43 -20.65
N ARG B 75 1.70 -17.48 -19.84
CA ARG B 75 2.96 -17.88 -19.21
C ARG B 75 4.06 -18.10 -20.26
N ARG B 76 3.70 -18.79 -21.34
CA ARG B 76 4.65 -19.12 -22.40
C ARG B 76 5.27 -17.91 -23.09
N ILE B 77 4.44 -16.98 -23.57
CA ILE B 77 4.98 -15.81 -24.25
C ILE B 77 5.68 -14.86 -23.28
N GLY B 78 5.23 -14.84 -22.02
CA GLY B 78 5.93 -14.12 -20.98
C GLY B 78 7.35 -14.62 -20.81
N ASN B 79 7.49 -15.93 -20.60
CA ASN B 79 8.78 -16.59 -20.49
C ASN B 79 9.64 -16.37 -21.74
N LEU B 80 9.00 -16.42 -22.91
CA LEU B 80 9.69 -16.14 -24.16
C LEU B 80 10.33 -14.75 -24.14
N ASN B 81 9.55 -13.77 -23.72
CA ASN B 81 10.05 -12.41 -23.56
C ASN B 81 11.21 -12.30 -22.59
N LYS B 82 11.06 -12.94 -21.44
CA LYS B 82 12.11 -12.87 -20.43
C LYS B 82 13.40 -13.44 -21.02
N ARG B 83 13.32 -14.68 -21.53
CA ARG B 83 14.48 -15.32 -22.15
C ARG B 83 15.13 -14.45 -23.22
N MET B 84 14.33 -13.74 -24.00
CA MET B 84 14.90 -12.85 -25.00
C MET B 84 15.71 -11.72 -24.37
N GLU B 85 15.08 -11.02 -23.41
CA GLU B 85 15.74 -9.87 -22.77
C GLU B 85 17.03 -10.28 -22.05
N ASP B 86 16.96 -11.38 -21.31
CA ASP B 86 18.13 -11.86 -20.60
C ASP B 86 19.20 -12.28 -21.60
N GLY B 87 18.80 -13.03 -22.62
CA GLY B 87 19.69 -13.40 -23.71
C GLY B 87 20.53 -12.25 -24.22
N PHE B 88 19.85 -11.25 -24.78
CA PHE B 88 20.56 -10.09 -25.31
C PHE B 88 21.44 -9.43 -24.26
N LEU B 89 20.89 -9.25 -23.05
CA LEU B 89 21.70 -8.74 -21.94
C LEU B 89 23.00 -9.52 -21.77
N ASP B 90 22.93 -10.84 -21.92
CA ASP B 90 24.09 -11.69 -21.71
C ASP B 90 25.12 -11.46 -22.78
N VAL B 91 24.66 -11.32 -24.03
CA VAL B 91 25.65 -11.21 -25.11
C VAL B 91 26.30 -9.81 -25.06
N TRP B 92 25.54 -8.78 -24.75
CA TRP B 92 26.16 -7.45 -24.66
C TRP B 92 27.12 -7.34 -23.48
N THR B 93 26.76 -7.95 -22.35
CA THR B 93 27.68 -7.99 -21.20
C THR B 93 28.99 -8.66 -21.60
N TYR B 94 28.85 -9.80 -22.29
CA TYR B 94 30.03 -10.55 -22.69
C TYR B 94 30.90 -9.72 -23.63
N ASN B 95 30.27 -9.16 -24.66
CA ASN B 95 30.99 -8.37 -25.67
C ASN B 95 31.78 -7.26 -25.01
N ALA B 96 31.12 -6.56 -24.09
CA ALA B 96 31.77 -5.44 -23.41
C ALA B 96 32.98 -5.90 -22.60
N GLU B 97 32.75 -6.82 -21.65
CA GLU B 97 33.83 -7.27 -20.76
C GLU B 97 35.03 -7.83 -21.54
N LEU B 98 34.74 -8.67 -22.53
CA LEU B 98 35.78 -9.31 -23.33
C LEU B 98 36.57 -8.27 -24.11
N LEU B 99 35.84 -7.39 -24.80
CA LEU B 99 36.48 -6.34 -25.59
C LEU B 99 37.39 -5.48 -24.73
N VAL B 100 36.95 -5.16 -23.52
CA VAL B 100 37.76 -4.35 -22.60
C VAL B 100 39.07 -5.07 -22.29
N LEU B 101 38.97 -6.32 -21.84
CA LEU B 101 40.16 -7.11 -21.51
C LEU B 101 41.18 -7.11 -22.67
N LEU B 102 40.73 -7.62 -23.82
CA LEU B 102 41.55 -7.73 -25.01
C LEU B 102 42.22 -6.41 -25.39
N GLU B 103 41.40 -5.37 -25.49
CA GLU B 103 41.88 -4.07 -25.94
C GLU B 103 42.91 -3.48 -25.00
N ASN B 104 42.70 -3.64 -23.69
CA ASN B 104 43.72 -3.22 -22.73
C ASN B 104 45.05 -3.91 -22.99
N GLU B 105 45.01 -5.23 -23.15
CA GLU B 105 46.23 -5.97 -23.50
C GLU B 105 46.97 -5.32 -24.68
N ARG B 106 46.23 -5.10 -25.77
CA ARG B 106 46.87 -4.62 -26.98
C ARG B 106 47.32 -3.15 -26.89
N THR B 107 46.61 -2.37 -26.09
CA THR B 107 47.01 -0.99 -25.81
C THR B 107 48.37 -0.94 -25.15
N LEU B 108 48.53 -1.77 -24.12
CA LEU B 108 49.80 -1.81 -23.39
C LEU B 108 50.92 -2.25 -24.34
N ASP B 109 50.68 -3.33 -25.07
CA ASP B 109 51.66 -3.76 -26.07
C ASP B 109 52.04 -2.62 -27.04
N LEU B 110 51.06 -1.80 -27.40
CA LEU B 110 51.30 -0.65 -28.28
C LEU B 110 52.28 0.33 -27.66
N HIS B 111 52.01 0.73 -26.42
CA HIS B 111 52.93 1.64 -25.72
C HIS B 111 54.36 1.09 -25.69
N ASP B 112 54.45 -0.20 -25.37
CA ASP B 112 55.73 -0.89 -25.28
C ASP B 112 56.50 -0.79 -26.60
N ALA B 113 55.81 -1.09 -27.69
CA ALA B 113 56.44 -1.08 -29.00
C ALA B 113 56.85 0.32 -29.43
N ASN B 114 56.07 1.32 -29.04
CA ASN B 114 56.41 2.70 -29.39
C ASN B 114 57.70 3.11 -28.71
N VAL B 115 57.84 2.72 -27.43
CA VAL B 115 59.09 2.97 -26.70
C VAL B 115 60.27 2.29 -27.40
N LYS B 116 60.21 0.96 -27.48
CA LYS B 116 61.22 0.18 -28.22
C LYS B 116 61.66 0.84 -29.53
N ASN B 117 60.68 1.29 -30.32
CA ASN B 117 60.96 1.88 -31.63
C ASN B 117 61.62 3.25 -31.53
N LEU B 118 61.34 3.99 -30.47
CA LEU B 118 62.05 5.26 -30.27
C LEU B 118 63.53 4.99 -29.97
N TYR B 119 63.76 4.11 -29.00
CA TYR B 119 65.11 3.60 -28.70
C TYR B 119 65.86 3.23 -29.99
N GLU B 120 65.25 2.38 -30.81
CA GLU B 120 65.82 2.01 -32.11
C GLU B 120 66.10 3.22 -33.01
N LYS B 121 65.15 4.16 -33.06
CA LYS B 121 65.30 5.39 -33.83
C LYS B 121 66.60 6.09 -33.47
N VAL B 122 66.87 6.18 -32.18
CA VAL B 122 68.11 6.79 -31.66
C VAL B 122 69.37 5.99 -32.02
N LYS B 123 69.47 4.78 -31.46
CA LYS B 123 70.57 3.88 -31.74
C LYS B 123 70.96 3.84 -33.23
N SER B 124 69.96 3.85 -34.11
CA SER B 124 70.18 3.86 -35.55
C SER B 124 70.96 5.10 -35.98
N GLN B 125 70.66 6.24 -35.36
CA GLN B 125 71.37 7.47 -35.64
C GLN B 125 72.81 7.50 -35.12
N LEU B 126 72.92 7.32 -33.81
CA LEU B 126 74.19 7.21 -33.11
C LEU B 126 74.54 5.75 -33.16
N ARG B 127 75.67 5.44 -33.80
CA ARG B 127 76.06 4.07 -34.06
C ARG B 127 77.43 3.84 -33.45
N ASP B 128 78.39 4.66 -33.85
CA ASP B 128 79.71 4.60 -33.20
C ASP B 128 79.99 5.70 -32.17
N ASN B 129 79.35 6.86 -32.32
CA ASN B 129 79.64 8.01 -31.47
C ASN B 129 79.16 7.88 -30.03
N ALA B 130 78.70 6.69 -29.66
CA ALA B 130 78.25 6.46 -28.29
C ALA B 130 78.30 4.99 -27.88
N ASN B 131 78.04 4.76 -26.59
CA ASN B 131 78.15 3.46 -25.96
C ASN B 131 76.79 3.04 -25.41
N ASP B 132 76.26 1.94 -25.95
CA ASP B 132 74.96 1.42 -25.55
C ASP B 132 75.10 0.61 -24.26
N LEU B 133 74.63 1.16 -23.15
CA LEU B 133 74.72 0.48 -21.86
C LEU B 133 73.83 -0.77 -21.83
N GLY B 134 72.72 -0.72 -22.56
CA GLY B 134 71.79 -1.84 -22.62
C GLY B 134 70.58 -1.64 -21.73
N ASN B 135 70.58 -0.55 -20.96
CA ASN B 135 69.40 -0.16 -20.20
C ASN B 135 68.76 1.09 -20.80
N GLY B 136 68.97 1.28 -22.09
CA GLY B 136 68.38 2.38 -22.82
C GLY B 136 68.98 3.75 -22.55
N CYS B 137 70.19 3.75 -21.99
CA CYS B 137 70.99 4.97 -21.90
C CYS B 137 72.18 4.89 -22.85
N PHE B 138 72.54 6.02 -23.45
CA PHE B 138 73.65 6.08 -24.39
C PHE B 138 74.75 7.03 -23.92
N GLU B 139 75.99 6.54 -23.81
CA GLU B 139 77.11 7.38 -23.35
C GLU B 139 77.99 7.87 -24.49
N PHE B 140 78.03 9.19 -24.72
CA PHE B 140 78.83 9.74 -25.81
C PHE B 140 80.33 9.52 -25.63
N TRP B 141 81.04 9.46 -26.76
CA TRP B 141 82.50 9.51 -26.72
C TRP B 141 82.95 10.95 -26.92
N HIS B 142 82.18 11.72 -27.71
CA HIS B 142 82.52 13.11 -27.96
C HIS B 142 81.74 14.04 -27.03
N LYS B 143 81.73 15.32 -27.37
CA LYS B 143 81.00 16.31 -26.59
C LYS B 143 79.68 16.67 -27.25
N CYS B 144 78.63 16.79 -26.45
CA CYS B 144 77.32 17.15 -26.95
C CYS B 144 76.68 18.27 -26.13
N ASP B 145 76.61 19.46 -26.73
CA ASP B 145 75.96 20.61 -26.10
C ASP B 145 74.45 20.55 -26.29
N ASN B 146 73.80 21.70 -26.37
CA ASN B 146 72.35 21.73 -26.53
C ASN B 146 71.91 21.71 -28.00
N GLU B 147 72.57 22.46 -28.86
CA GLU B 147 72.31 22.39 -30.29
C GLU B 147 72.72 21.02 -30.84
N CYS B 148 73.52 20.30 -30.07
CA CYS B 148 73.89 18.93 -30.41
C CYS B 148 72.77 17.95 -30.07
N MET B 149 72.35 17.94 -28.80
CA MET B 149 71.25 17.11 -28.32
C MET B 149 69.99 17.31 -29.17
N GLU B 150 69.65 18.58 -29.37
CA GLU B 150 68.50 18.99 -30.16
C GLU B 150 68.45 18.33 -31.54
N SER B 151 69.62 18.15 -32.15
CA SER B 151 69.70 17.58 -33.49
C SER B 151 69.40 16.09 -33.47
N VAL B 152 69.73 15.45 -32.35
CA VAL B 152 69.35 14.06 -32.15
C VAL B 152 67.84 13.99 -31.99
N LYS B 153 67.33 14.84 -31.10
CA LYS B 153 65.89 14.92 -30.86
C LYS B 153 65.08 15.16 -32.14
N ASN B 154 65.34 16.23 -32.87
CA ASN B 154 64.58 16.45 -34.11
C ASN B 154 65.11 15.64 -35.30
N GLY B 155 65.85 14.57 -34.99
CA GLY B 155 66.20 13.54 -35.95
C GLY B 155 67.23 13.89 -37.00
N THR B 156 67.88 15.04 -36.85
CA THR B 156 68.85 15.48 -37.85
C THR B 156 70.27 15.44 -37.30
N TYR B 157 70.65 14.30 -36.73
CA TYR B 157 71.97 14.15 -36.14
C TYR B 157 73.00 13.77 -37.21
N ASP B 158 74.00 14.63 -37.39
CA ASP B 158 75.03 14.44 -38.39
C ASP B 158 76.13 13.50 -37.90
N TYR B 159 76.06 12.24 -38.32
CA TYR B 159 77.03 11.23 -37.87
C TYR B 159 78.45 11.41 -38.42
N PRO B 160 78.61 11.74 -39.73
CA PRO B 160 79.95 12.08 -40.25
C PRO B 160 80.77 13.00 -39.33
N LYS B 161 80.27 14.21 -39.07
CA LYS B 161 80.93 15.19 -38.22
C LYS B 161 81.62 14.61 -36.98
N TYR B 162 80.87 13.92 -36.13
CA TYR B 162 81.38 13.46 -34.85
C TYR B 162 82.04 12.07 -34.89
N GLN B 163 82.20 11.49 -36.07
CA GLN B 163 82.73 10.12 -36.16
C GLN B 163 84.24 10.07 -35.94
N LYS B 164 84.94 11.13 -36.33
CA LYS B 164 86.38 11.21 -36.08
C LYS B 164 86.65 11.49 -34.60
N ASP C 1 -79.56 -10.01 21.00
CA ASP C 1 -78.54 -9.28 21.75
C ASP C 1 -77.41 -10.20 22.17
N LYS C 2 -76.17 -9.75 21.96
CA LYS C 2 -75.00 -10.59 22.24
C LYS C 2 -73.72 -9.80 22.48
N ILE C 3 -72.67 -10.52 22.92
CA ILE C 3 -71.35 -9.93 23.15
C ILE C 3 -70.26 -10.99 22.92
N CYS C 4 -69.16 -10.57 22.29
CA CYS C 4 -68.08 -11.50 21.94
C CYS C 4 -66.74 -11.16 22.58
N ILE C 5 -65.93 -12.20 22.82
CA ILE C 5 -64.59 -12.04 23.37
C ILE C 5 -63.56 -12.38 22.29
N GLY C 6 -62.53 -11.53 22.15
CA GLY C 6 -61.52 -11.74 21.14
C GLY C 6 -60.28 -10.89 21.31
N TYR C 7 -59.50 -10.74 20.23
CA TYR C 7 -58.20 -10.11 20.32
C TYR C 7 -57.79 -9.29 19.09
N HIS C 8 -56.71 -8.53 19.25
CA HIS C 8 -56.18 -7.61 18.24
C HIS C 8 -55.61 -8.32 17.00
N ALA C 9 -55.63 -7.62 15.87
CA ALA C 9 -54.91 -8.04 14.67
C ALA C 9 -54.58 -6.81 13.84
N ASN C 10 -53.76 -6.98 12.80
CA ASN C 10 -53.35 -5.85 11.97
C ASN C 10 -52.62 -6.22 10.68
N ASN C 11 -52.18 -5.20 9.96
CA ASN C 11 -51.49 -5.35 8.68
C ASN C 11 -50.06 -5.89 8.76
N SER C 12 -49.61 -6.21 9.98
CA SER C 12 -48.24 -6.65 10.21
C SER C 12 -47.89 -7.96 9.50
N THR C 13 -46.72 -7.98 8.86
CA THR C 13 -46.16 -9.21 8.31
C THR C 13 -44.79 -9.53 8.93
N THR C 14 -44.46 -8.84 10.02
CA THR C 14 -43.24 -9.11 10.77
C THR C 14 -43.27 -10.48 11.45
N GLN C 15 -42.22 -11.27 11.29
CA GLN C 15 -42.20 -12.62 11.84
C GLN C 15 -41.16 -12.85 12.93
N VAL C 16 -41.40 -13.89 13.72
CA VAL C 16 -40.48 -14.36 14.76
C VAL C 16 -40.37 -15.88 14.73
N ASP C 17 -39.47 -16.43 15.52
CA ASP C 17 -39.36 -17.88 15.70
C ASP C 17 -39.58 -18.28 17.15
N THR C 18 -40.05 -19.50 17.36
CA THR C 18 -40.12 -20.09 18.70
C THR C 18 -39.49 -21.46 18.67
N LEU C 19 -39.30 -22.06 19.84
CA LEU C 19 -38.77 -23.42 19.91
C LEU C 19 -39.64 -24.41 19.16
N LEU C 20 -40.94 -24.17 19.16
CA LEU C 20 -41.89 -25.09 18.53
C LEU C 20 -42.19 -24.73 17.09
N GLU C 21 -42.12 -23.44 16.78
CA GLU C 21 -42.66 -22.97 15.52
C GLU C 21 -41.79 -21.88 14.93
N LYS C 22 -41.37 -22.06 13.68
CA LYS C 22 -40.63 -21.03 12.97
C LYS C 22 -41.57 -20.25 12.05
N ASN C 23 -41.15 -19.05 11.67
CA ASN C 23 -41.93 -18.21 10.74
C ASN C 23 -43.36 -17.98 11.21
N VAL C 24 -43.52 -17.15 12.24
CA VAL C 24 -44.81 -16.91 12.86
C VAL C 24 -45.08 -15.41 12.97
N THR C 25 -46.03 -14.92 12.18
CA THR C 25 -46.34 -13.49 12.13
C THR C 25 -47.08 -13.02 13.38
N VAL C 26 -46.70 -11.85 13.89
CA VAL C 26 -47.26 -11.32 15.14
C VAL C 26 -47.59 -9.82 15.02
N THR C 27 -48.30 -9.31 16.01
CA THR C 27 -48.83 -7.94 15.95
C THR C 27 -47.73 -6.91 16.23
N HIS C 28 -46.99 -7.11 17.30
CA HIS C 28 -45.90 -6.21 17.65
C HIS C 28 -44.67 -6.99 18.12
N SER C 29 -43.51 -6.57 17.62
CA SER C 29 -42.24 -7.18 18.02
C SER C 29 -41.18 -6.10 18.16
N VAL C 30 -39.95 -6.52 18.49
CA VAL C 30 -38.83 -5.59 18.57
C VAL C 30 -37.53 -6.28 18.15
N GLU C 31 -36.66 -5.56 17.46
CA GLU C 31 -35.38 -6.13 17.03
C GLU C 31 -34.26 -5.65 17.94
N LEU C 32 -33.60 -6.59 18.61
CA LEU C 32 -32.57 -6.27 19.58
C LEU C 32 -31.17 -6.15 18.98
N LEU C 33 -31.04 -6.43 17.68
CA LEU C 33 -29.72 -6.58 17.09
C LEU C 33 -29.48 -5.58 15.96
N GLU C 34 -28.39 -4.84 16.07
CA GLU C 34 -28.00 -3.87 15.06
C GLU C 34 -27.03 -4.48 14.04
N ASN C 35 -27.29 -4.21 12.76
CA ASN C 35 -26.41 -4.68 11.69
C ASN C 35 -25.97 -3.58 10.74
N GLN C 36 -26.28 -2.33 11.08
CA GLN C 36 -26.00 -1.21 10.19
C GLN C 36 -24.86 -0.37 10.74
N LYS C 37 -23.90 -0.03 9.88
CA LYS C 37 -22.74 0.73 10.30
C LYS C 37 -22.38 1.80 9.27
N GLU C 38 -21.66 2.82 9.74
CA GLU C 38 -21.11 3.85 8.85
C GLU C 38 -19.63 3.58 8.66
N LYS C 39 -19.23 3.22 7.45
CA LYS C 39 -17.84 2.81 7.23
C LYS C 39 -16.89 4.01 7.28
N ARG C 40 -16.55 4.43 8.49
CA ARG C 40 -15.67 5.57 8.70
C ARG C 40 -15.18 5.63 10.15
N PHE C 41 -14.14 6.44 10.37
CA PHE C 41 -13.60 6.67 11.70
C PHE C 41 -13.95 8.07 12.20
N CYS C 42 -14.68 8.15 13.32
CA CYS C 42 -15.09 9.42 13.89
C CYS C 42 -14.42 9.72 15.23
N LYS C 43 -14.73 10.89 15.80
CA LYS C 43 -14.17 11.30 17.09
C LYS C 43 -14.81 10.54 18.24
N ILE C 44 -14.04 10.39 19.32
CA ILE C 44 -14.53 9.76 20.54
C ILE C 44 -14.28 10.74 21.67
N MET C 45 -15.30 10.98 22.50
CA MET C 45 -15.23 11.98 23.56
C MET C 45 -14.75 13.31 22.98
N ASN C 46 -15.33 13.70 21.84
CA ASN C 46 -14.93 14.88 21.08
C ASN C 46 -13.42 14.97 20.82
N LYS C 47 -12.76 13.81 20.77
CA LYS C 47 -11.32 13.76 20.56
C LYS C 47 -11.02 12.89 19.33
N ALA C 48 -10.16 13.39 18.46
CA ALA C 48 -9.91 12.75 17.17
C ALA C 48 -8.79 11.73 17.24
N PRO C 49 -8.91 10.65 16.45
CA PRO C 49 -7.88 9.61 16.41
C PRO C 49 -6.61 10.05 15.71
N LEU C 50 -5.58 9.20 15.76
CA LEU C 50 -4.33 9.47 15.08
C LEU C 50 -4.20 8.67 13.79
N ASP C 51 -4.11 9.38 12.66
CA ASP C 51 -3.87 8.73 11.38
C ASP C 51 -2.38 8.69 11.09
N LEU C 52 -1.83 7.49 11.09
CA LEU C 52 -0.41 7.28 10.89
C LEU C 52 -0.08 7.57 9.42
N LYS C 53 -1.09 7.40 8.57
CA LYS C 53 -0.97 7.59 7.13
C LYS C 53 0.07 6.62 6.58
N ASP C 54 1.08 7.13 5.90
CA ASP C 54 2.03 6.26 5.21
C ASP C 54 3.17 5.88 6.15
N CYS C 55 2.92 6.00 7.45
CA CYS C 55 3.89 5.54 8.45
C CYS C 55 3.34 4.36 9.24
N THR C 56 4.23 3.43 9.59
CA THR C 56 3.90 2.40 10.58
C THR C 56 4.21 2.96 11.96
N ILE C 57 3.73 2.28 12.98
CA ILE C 57 3.96 2.69 14.36
C ILE C 57 5.47 2.80 14.64
N GLU C 58 6.23 1.84 14.12
CA GLU C 58 7.68 1.85 14.30
C GLU C 58 8.26 3.14 13.69
N GLY C 59 7.88 3.42 12.45
CA GLY C 59 8.41 4.56 11.72
C GLY C 59 8.01 5.85 12.38
N TRP C 60 6.80 5.89 12.94
CA TRP C 60 6.34 7.05 13.66
C TRP C 60 7.19 7.29 14.89
N ILE C 61 7.33 6.25 15.71
CA ILE C 61 7.87 6.46 17.05
C ILE C 61 9.39 6.56 17.04
N LEU C 62 10.05 5.93 16.07
CA LEU C 62 11.51 6.01 15.98
C LEU C 62 11.94 7.30 15.30
N GLY C 63 11.01 7.96 14.62
CA GLY C 63 11.30 9.21 13.95
C GLY C 63 11.96 9.03 12.59
N ASN C 64 11.45 8.08 11.82
CA ASN C 64 11.78 7.94 10.40
C ASN C 64 11.56 9.26 9.69
N PRO C 65 12.54 9.69 8.87
CA PRO C 65 12.51 11.03 8.28
C PRO C 65 11.33 11.29 7.34
N LYS C 66 10.74 10.24 6.77
CA LYS C 66 9.57 10.41 5.91
C LYS C 66 8.28 10.38 6.70
N CYS C 67 8.41 10.46 8.02
CA CYS C 67 7.25 10.45 8.90
C CYS C 67 7.20 11.77 9.66
N ASP C 68 7.90 12.76 9.12
CA ASP C 68 8.06 14.05 9.79
C ASP C 68 6.74 14.80 9.90
N LEU C 69 5.78 14.41 9.07
CA LEU C 69 4.40 14.91 9.19
C LEU C 69 3.83 14.66 10.58
N LEU C 70 4.29 13.58 11.21
CA LEU C 70 3.77 13.18 12.52
C LEU C 70 4.63 13.69 13.67
N LEU C 71 5.79 14.23 13.34
CA LEU C 71 6.76 14.68 14.34
C LEU C 71 6.19 15.68 15.35
N GLY C 72 6.71 15.63 16.58
CA GLY C 72 6.24 16.50 17.64
C GLY C 72 5.15 15.83 18.45
N ASP C 73 4.29 16.65 19.05
CA ASP C 73 3.28 16.16 19.98
C ASP C 73 2.08 15.55 19.25
N GLN C 74 1.40 14.62 19.93
CA GLN C 74 0.19 14.01 19.42
C GLN C 74 -0.73 13.63 20.57
N SER C 75 -2.04 13.74 20.33
CA SER C 75 -3.04 13.30 21.29
C SER C 75 -4.04 12.48 20.50
N TRP C 76 -4.59 11.43 21.10
CA TRP C 76 -5.53 10.60 20.38
C TRP C 76 -6.55 9.87 21.25
N SER C 77 -7.74 9.68 20.68
CA SER C 77 -8.71 8.78 21.27
C SER C 77 -8.39 7.33 20.89
N TYR C 78 -7.86 7.15 19.68
CA TYR C 78 -7.35 5.84 19.24
C TYR C 78 -6.40 6.00 18.07
N ILE C 79 -5.78 4.90 17.65
CA ILE C 79 -4.78 4.96 16.60
C ILE C 79 -5.22 4.17 15.37
N VAL C 80 -4.95 4.74 14.19
CA VAL C 80 -5.27 4.09 12.93
C VAL C 80 -4.00 3.89 12.11
N GLU C 81 -3.61 2.64 11.93
CA GLU C 81 -2.49 2.30 11.08
C GLU C 81 -3.01 1.85 9.74
N ARG C 82 -2.34 2.23 8.66
CA ARG C 82 -2.80 1.85 7.33
C ARG C 82 -2.13 0.56 6.86
N PRO C 83 -2.95 -0.35 6.29
CA PRO C 83 -2.57 -1.69 5.85
C PRO C 83 -1.24 -1.76 5.12
N ASN C 84 -0.95 -0.81 4.24
CA ASN C 84 0.27 -0.87 3.46
C ASN C 84 1.15 0.36 3.63
N ALA C 85 1.21 0.86 4.86
CA ALA C 85 2.07 1.99 5.17
C ALA C 85 3.52 1.59 4.89
N GLN C 86 4.26 2.47 4.22
CA GLN C 86 5.55 2.12 3.67
C GLN C 86 6.73 2.45 4.58
N ASN C 87 6.55 3.44 5.45
CA ASN C 87 7.65 3.94 6.28
C ASN C 87 7.64 3.41 7.71
N GLY C 88 8.58 2.53 7.99
CA GLY C 88 8.79 2.00 9.33
C GLY C 88 10.27 2.03 9.63
N ILE C 89 10.86 0.87 9.82
CA ILE C 89 12.29 0.77 10.11
C ILE C 89 13.10 0.74 8.81
N CYS C 90 13.77 1.85 8.50
CA CYS C 90 14.51 1.96 7.23
C CYS C 90 15.85 1.24 7.27
N TYR C 91 16.59 1.34 8.38
CA TYR C 91 17.88 0.65 8.48
C TYR C 91 17.65 -0.69 9.17
N PRO C 92 18.05 -1.79 8.51
CA PRO C 92 17.63 -3.14 8.90
C PRO C 92 17.99 -3.54 10.33
N GLY C 93 17.03 -4.13 11.02
CA GLY C 93 17.23 -4.58 12.38
C GLY C 93 15.92 -5.02 12.99
N VAL C 94 15.97 -5.48 14.24
CA VAL C 94 14.75 -5.81 14.95
C VAL C 94 14.52 -4.81 16.08
N LEU C 95 13.27 -4.40 16.25
CA LEU C 95 12.87 -3.70 17.45
C LEU C 95 12.52 -4.75 18.52
N ASN C 96 13.37 -4.86 19.53
CA ASN C 96 13.16 -5.82 20.60
C ASN C 96 11.84 -5.55 21.32
N GLU C 97 11.10 -6.62 21.59
CA GLU C 97 9.81 -6.55 22.29
C GLU C 97 8.82 -5.62 21.60
N LEU C 98 8.73 -5.75 20.28
CA LEU C 98 7.88 -4.89 19.47
C LEU C 98 6.41 -4.99 19.84
N GLU C 99 5.95 -6.21 20.10
CA GLU C 99 4.53 -6.45 20.34
C GLU C 99 4.10 -5.77 21.63
N GLU C 100 4.98 -5.85 22.63
CA GLU C 100 4.72 -5.23 23.92
C GLU C 100 4.80 -3.71 23.83
N LEU C 101 5.64 -3.20 22.93
CA LEU C 101 5.71 -1.76 22.69
C LEU C 101 4.43 -1.25 22.04
N LYS C 102 3.92 -1.99 21.05
CA LYS C 102 2.66 -1.67 20.41
C LYS C 102 1.54 -1.69 21.44
N ALA C 103 1.61 -2.68 22.35
CA ALA C 103 0.59 -2.82 23.39
C ALA C 103 0.63 -1.64 24.35
N PHE C 104 1.85 -1.23 24.70
CA PHE C 104 2.06 -0.09 25.58
C PHE C 104 1.58 1.22 24.99
N ILE C 105 1.90 1.47 23.72
CA ILE C 105 1.49 2.71 23.08
C ILE C 105 -0.02 2.72 22.89
N GLY C 106 -0.61 1.55 22.66
CA GLY C 106 -2.06 1.45 22.62
C GLY C 106 -2.72 1.97 23.89
N SER C 107 -2.07 1.76 25.02
CA SER C 107 -2.61 2.16 26.33
C SER C 107 -2.34 3.63 26.63
N GLY C 108 -2.09 4.42 25.59
CA GLY C 108 -1.72 5.80 25.78
C GLY C 108 -2.76 6.77 25.27
N GLU C 109 -2.48 8.06 25.44
CA GLU C 109 -3.43 9.10 25.09
C GLU C 109 -2.73 10.29 24.44
N ARG C 110 -1.43 10.38 24.68
CA ARG C 110 -0.66 11.56 24.30
C ARG C 110 0.84 11.33 24.44
N VAL C 111 1.63 11.87 23.52
CA VAL C 111 3.07 11.94 23.70
C VAL C 111 3.60 13.35 23.44
N GLU C 112 4.56 13.77 24.26
CA GLU C 112 5.25 15.04 24.05
C GLU C 112 6.70 14.80 23.71
N ARG C 113 7.09 15.08 22.48
CA ARG C 113 8.48 14.90 22.07
C ARG C 113 9.34 15.97 22.73
N PHE C 114 10.46 15.54 23.31
CA PHE C 114 11.44 16.47 23.85
C PHE C 114 12.85 15.92 23.65
N GLU C 115 13.84 16.78 23.84
CA GLU C 115 15.23 16.36 23.67
C GLU C 115 15.78 15.86 24.99
N MET C 116 16.31 14.65 24.99
CA MET C 116 16.71 13.97 26.21
C MET C 116 18.22 13.98 26.36
N PHE C 117 18.92 13.87 25.24
CA PHE C 117 20.37 13.92 25.23
C PHE C 117 20.86 14.74 24.05
N PRO C 118 21.24 15.99 24.30
CA PRO C 118 21.87 16.80 23.26
C PRO C 118 23.18 16.16 22.82
N LYS C 119 23.57 16.38 21.56
CA LYS C 119 24.77 15.76 21.00
C LYS C 119 26.03 16.07 21.79
N SER C 120 26.00 17.20 22.51
CA SER C 120 27.09 17.60 23.40
C SER C 120 27.34 16.63 24.54
N THR C 121 26.33 15.86 24.93
CA THR C 121 26.49 14.83 25.96
C THR C 121 27.65 13.91 25.66
N TRP C 122 27.80 13.60 24.38
CA TRP C 122 28.78 12.63 23.93
C TRP C 122 30.05 13.37 23.50
N ALA C 123 31.12 13.19 24.26
CA ALA C 123 32.30 14.03 24.15
C ALA C 123 33.47 13.34 23.48
N GLY C 124 33.98 13.95 22.41
CA GLY C 124 35.18 13.48 21.73
C GLY C 124 34.87 12.51 20.63
N VAL C 125 33.74 12.73 19.97
CA VAL C 125 33.25 11.84 18.93
C VAL C 125 32.49 12.67 17.91
N ASP C 126 32.12 12.06 16.79
CA ASP C 126 31.49 12.81 15.72
C ASP C 126 29.99 12.54 15.67
N THR C 127 29.23 13.53 16.10
CA THR C 127 27.78 13.42 16.18
C THR C 127 27.07 13.95 14.93
N SER C 128 27.83 14.29 13.90
CA SER C 128 27.25 14.98 12.75
C SER C 128 27.27 14.21 11.42
N ARG C 129 27.84 13.00 11.41
CA ARG C 129 27.92 12.25 10.17
C ARG C 129 27.19 10.89 10.22
N GLY C 130 26.37 10.70 11.25
CA GLY C 130 25.62 9.46 11.38
C GLY C 130 24.42 9.41 10.43
N VAL C 131 24.69 9.11 9.16
CA VAL C 131 23.65 9.10 8.14
C VAL C 131 23.87 7.97 7.12
N THR C 132 22.79 7.57 6.46
CA THR C 132 22.83 6.42 5.55
C THR C 132 21.79 6.57 4.44
N ASN C 133 22.06 5.98 3.28
CA ASN C 133 21.10 6.05 2.19
C ASN C 133 20.00 5.01 2.35
N ALA C 134 20.06 4.28 3.46
CA ALA C 134 18.99 3.40 3.84
C ALA C 134 17.85 4.23 4.40
N CYS C 135 18.18 5.40 4.94
CA CYS C 135 17.21 6.25 5.62
C CYS C 135 17.11 7.65 5.02
N PRO C 136 16.62 7.76 3.78
CA PRO C 136 16.51 9.09 3.17
C PRO C 136 15.31 9.90 3.68
N SER C 137 15.47 11.22 3.70
CA SER C 137 14.32 12.11 3.88
C SER C 137 13.77 12.47 2.51
N TYR C 138 12.68 13.22 2.48
CA TYR C 138 12.12 13.68 1.22
C TYR C 138 12.96 14.79 0.58
N THR C 139 14.14 15.06 1.13
CA THR C 139 14.97 16.18 0.69
C THR C 139 16.47 15.87 0.59
N LEU C 140 16.89 14.69 1.03
CA LEU C 140 18.26 14.22 0.78
C LEU C 140 18.37 12.70 0.81
N ASP C 141 19.38 12.18 0.13
CA ASP C 141 19.51 10.74 -0.06
C ASP C 141 20.12 10.02 1.13
N SER C 142 20.58 10.75 2.12
CA SER C 142 21.18 10.12 3.29
C SER C 142 20.91 10.89 4.58
N SER C 143 20.00 10.35 5.39
CA SER C 143 19.66 10.92 6.67
C SER C 143 19.63 9.80 7.72
N PHE C 144 18.82 9.98 8.76
CA PHE C 144 18.72 9.01 9.84
C PHE C 144 17.49 9.35 10.67
N TYR C 145 17.24 8.63 11.76
CA TYR C 145 16.05 8.88 12.57
C TYR C 145 16.18 10.19 13.34
N ARG C 146 15.08 10.90 13.49
CA ARG C 146 15.10 12.18 14.20
C ARG C 146 15.32 11.99 15.70
N ASN C 147 14.95 10.83 16.22
CA ASN C 147 15.00 10.56 17.64
C ASN C 147 16.24 9.79 18.08
N LEU C 148 17.09 9.42 17.12
CA LEU C 148 18.32 8.72 17.46
C LEU C 148 19.51 9.45 16.87
N VAL C 149 20.71 9.16 17.38
CA VAL C 149 21.92 9.74 16.82
C VAL C 149 23.03 8.69 16.74
N TRP C 150 23.66 8.61 15.57
CA TRP C 150 24.66 7.59 15.28
C TRP C 150 26.07 8.08 15.58
N LEU C 151 26.60 7.72 16.75
CA LEU C 151 27.89 8.21 17.17
C LEU C 151 29.03 7.44 16.49
N VAL C 152 29.96 8.19 15.91
CA VAL C 152 31.10 7.60 15.20
C VAL C 152 32.36 8.36 15.60
N LYS C 153 33.48 7.65 15.73
CA LYS C 153 34.73 8.25 16.19
C LYS C 153 35.17 9.41 15.30
N THR C 154 35.79 10.43 15.91
CA THR C 154 36.18 11.62 15.18
C THR C 154 37.42 11.38 14.32
N ASP C 155 37.41 12.02 13.15
CA ASP C 155 38.35 11.79 12.04
C ASP C 155 39.39 10.67 12.19
N SER C 156 40.35 10.87 13.09
CA SER C 156 41.50 9.97 13.20
C SER C 156 41.66 9.32 14.57
N ALA C 157 41.26 10.03 15.61
CA ALA C 157 41.45 9.56 16.98
C ALA C 157 40.67 8.26 17.26
N THR C 158 40.72 7.79 18.49
CA THR C 158 39.96 6.59 18.85
C THR C 158 38.62 6.95 19.49
N TYR C 159 37.81 5.92 19.76
CA TYR C 159 36.52 6.08 20.41
C TYR C 159 36.73 6.08 21.92
N PRO C 160 36.54 7.23 22.58
CA PRO C 160 36.65 7.27 24.05
C PRO C 160 35.43 6.66 24.72
N VAL C 161 35.49 6.42 26.03
CA VAL C 161 34.26 6.08 26.72
C VAL C 161 33.44 7.36 26.77
N ILE C 162 32.13 7.23 26.55
CA ILE C 162 31.25 8.38 26.57
C ILE C 162 30.09 8.07 27.50
N LYS C 163 29.54 9.13 28.10
CA LYS C 163 28.64 8.98 29.22
C LYS C 163 27.52 10.01 29.18
N GLY C 164 26.33 9.60 29.61
CA GLY C 164 25.20 10.51 29.63
C GLY C 164 24.29 10.24 30.83
N THR C 165 23.65 11.28 31.35
CA THR C 165 22.68 11.08 32.43
C THR C 165 21.41 11.91 32.18
N TYR C 166 20.25 11.32 32.46
CA TYR C 166 19.02 12.11 32.54
C TYR C 166 18.23 11.73 33.78
N ASN C 167 18.03 12.72 34.66
CA ASN C 167 17.24 12.53 35.88
C ASN C 167 15.80 12.97 35.63
N ASN C 168 14.87 12.02 35.64
CA ASN C 168 13.47 12.32 35.40
C ASN C 168 12.82 12.91 36.64
N THR C 169 12.93 14.23 36.79
CA THR C 169 12.42 14.90 37.97
C THR C 169 10.96 15.29 37.81
N GLY C 170 10.37 14.93 36.67
CA GLY C 170 8.99 15.29 36.37
C GLY C 170 7.99 14.26 36.84
N THR C 171 6.72 14.50 36.54
CA THR C 171 5.64 13.64 37.02
C THR C 171 5.17 12.63 35.97
N GLN C 172 5.84 12.61 34.82
CA GLN C 172 5.41 11.75 33.73
C GLN C 172 6.49 10.76 33.31
N PRO C 173 6.09 9.53 32.96
CA PRO C 173 7.02 8.52 32.44
C PRO C 173 7.53 8.89 31.05
N ILE C 174 8.77 8.47 30.75
CA ILE C 174 9.38 8.81 29.48
C ILE C 174 9.63 7.58 28.63
N LEU C 175 9.08 7.57 27.43
CA LEU C 175 9.35 6.51 26.48
C LEU C 175 10.59 6.88 25.69
N TYR C 176 11.54 5.97 25.57
CA TYR C 176 12.76 6.31 24.86
C TYR C 176 13.40 5.11 24.18
N PHE C 177 14.32 5.39 23.27
CA PHE C 177 14.86 4.38 22.37
C PHE C 177 16.36 4.50 22.21
N TRP C 178 17.01 3.38 21.91
CA TRP C 178 18.43 3.39 21.56
C TRP C 178 18.73 2.16 20.73
N GLY C 179 19.98 1.98 20.34
CA GLY C 179 20.32 0.83 19.51
C GLY C 179 21.74 0.38 19.63
N VAL C 180 22.00 -0.82 19.12
CA VAL C 180 23.37 -1.30 18.99
C VAL C 180 23.64 -1.58 17.52
N HIS C 181 24.75 -1.07 17.01
CA HIS C 181 25.09 -1.29 15.62
C HIS C 181 25.91 -2.57 15.43
N HIS C 182 25.38 -3.48 14.61
CA HIS C 182 26.07 -4.71 14.27
C HIS C 182 26.64 -4.63 12.85
N PRO C 183 27.95 -4.39 12.74
CA PRO C 183 28.64 -4.20 11.46
C PRO C 183 28.83 -5.53 10.75
N PRO C 184 29.14 -5.51 9.44
CA PRO C 184 29.20 -6.76 8.69
C PRO C 184 30.57 -7.46 8.72
N ASP C 185 31.62 -6.74 9.06
CA ASP C 185 32.97 -7.31 9.10
C ASP C 185 33.90 -6.49 10.00
N THR C 186 35.10 -7.00 10.23
CA THR C 186 36.07 -6.39 11.13
C THR C 186 36.48 -4.98 10.70
N THR C 187 36.62 -4.78 9.39
CA THR C 187 37.17 -3.53 8.86
C THR C 187 36.18 -2.37 8.95
N VAL C 188 34.89 -2.65 8.80
CA VAL C 188 33.88 -1.61 8.97
C VAL C 188 33.82 -1.19 10.44
N GLN C 189 33.76 -2.19 11.31
CA GLN C 189 33.89 -1.99 12.76
C GLN C 189 35.05 -1.09 13.10
N ASP C 190 36.20 -1.32 12.48
CA ASP C 190 37.39 -0.54 12.77
C ASP C 190 37.33 0.86 12.16
N ASN C 191 36.78 0.96 10.95
CA ASN C 191 36.59 2.24 10.28
C ASN C 191 35.65 3.19 11.00
N LEU C 192 34.69 2.63 11.74
CA LEU C 192 33.69 3.45 12.42
C LEU C 192 34.02 3.68 13.89
N TYR C 193 34.37 2.60 14.59
CA TYR C 193 34.51 2.67 16.04
C TYR C 193 35.92 2.36 16.51
N GLY C 194 36.82 2.02 15.60
CA GLY C 194 38.16 1.67 16.03
C GLY C 194 38.28 0.31 16.69
N SER C 195 39.48 -0.01 17.18
CA SER C 195 39.75 -1.37 17.65
C SER C 195 39.31 -1.58 19.09
N GLY C 196 39.56 -2.78 19.59
CA GLY C 196 39.25 -3.13 20.96
C GLY C 196 37.84 -3.64 21.16
N ASP C 197 37.64 -4.42 22.22
CA ASP C 197 36.33 -4.97 22.54
C ASP C 197 35.39 -3.83 22.92
N LYS C 198 34.18 -3.84 22.35
CA LYS C 198 33.25 -2.74 22.52
C LYS C 198 32.01 -3.15 23.30
N TYR C 199 31.45 -2.19 24.03
CA TYR C 199 30.25 -2.43 24.82
C TYR C 199 29.30 -1.24 24.80
N VAL C 200 28.03 -1.52 25.09
CA VAL C 200 27.03 -0.50 25.33
C VAL C 200 26.28 -0.89 26.60
N ARG C 201 26.18 0.05 27.53
CA ARG C 201 25.54 -0.24 28.81
C ARG C 201 24.66 0.90 29.28
N MET C 202 23.57 0.54 29.95
CA MET C 202 22.58 1.51 30.39
C MET C 202 21.97 1.09 31.72
N GLY C 203 21.89 2.04 32.65
CA GLY C 203 21.41 1.74 33.99
C GLY C 203 20.32 2.68 34.46
N THR C 204 19.33 2.12 35.14
CA THR C 204 18.37 2.89 35.92
C THR C 204 18.20 2.18 37.26
N GLU C 205 17.31 2.71 38.09
CA GLU C 205 17.04 2.10 39.39
C GLU C 205 16.52 0.67 39.25
N SER C 206 15.72 0.42 38.23
CA SER C 206 15.02 -0.86 38.11
C SER C 206 15.23 -1.57 36.78
N MET C 207 16.32 -1.24 36.08
CA MET C 207 16.64 -1.91 34.83
C MET C 207 18.10 -1.68 34.50
N ASN C 208 18.80 -2.70 34.05
CA ASN C 208 20.11 -2.46 33.47
C ASN C 208 20.29 -3.26 32.20
N PHE C 209 21.34 -2.93 31.46
CA PHE C 209 21.48 -3.38 30.09
C PHE C 209 22.95 -3.36 29.72
N ALA C 210 23.41 -4.48 29.17
CA ALA C 210 24.75 -4.55 28.59
C ALA C 210 24.69 -5.35 27.30
N LYS C 211 25.44 -4.91 26.29
CA LYS C 211 25.50 -5.64 25.03
C LYS C 211 26.74 -5.28 24.22
N SER C 212 27.28 -6.26 23.49
CA SER C 212 28.42 -6.02 22.62
C SER C 212 28.02 -6.23 21.17
N PRO C 213 28.88 -5.85 20.22
CA PRO C 213 28.46 -6.08 18.83
C PRO C 213 28.44 -7.55 18.46
N GLU C 214 27.70 -7.86 17.39
CA GLU C 214 27.48 -9.22 16.95
C GLU C 214 27.89 -9.29 15.49
N ILE C 215 29.17 -9.04 15.24
CA ILE C 215 29.69 -8.80 13.91
C ILE C 215 29.63 -10.02 13.00
N ALA C 216 28.86 -9.90 11.92
CA ALA C 216 28.79 -10.92 10.88
C ALA C 216 28.18 -10.36 9.61
N ALA C 217 28.32 -11.08 8.51
CA ALA C 217 27.75 -10.63 7.24
C ALA C 217 26.36 -11.22 7.05
N ARG C 218 25.38 -10.34 6.82
CA ARG C 218 23.99 -10.75 6.67
C ARG C 218 23.53 -10.45 5.24
N PRO C 219 22.39 -11.03 4.82
CA PRO C 219 21.85 -10.67 3.50
C PRO C 219 21.61 -9.17 3.38
N ALA C 220 21.80 -8.64 2.18
CA ALA C 220 21.51 -7.24 1.91
C ALA C 220 20.03 -6.92 2.09
N VAL C 221 19.75 -5.90 2.91
CA VAL C 221 18.41 -5.34 3.04
C VAL C 221 18.53 -3.81 3.00
N ASN C 222 17.73 -3.18 2.16
CA ASN C 222 17.95 -1.78 1.76
C ASN C 222 19.43 -1.43 1.57
N GLY C 223 20.14 -2.30 0.86
CA GLY C 223 21.55 -2.10 0.58
C GLY C 223 22.47 -2.16 1.79
N GLN C 224 21.97 -2.68 2.90
CA GLN C 224 22.80 -2.80 4.09
C GLN C 224 23.03 -4.26 4.47
N ARG C 225 24.28 -4.59 4.77
CA ARG C 225 24.65 -5.90 5.28
C ARG C 225 24.85 -5.83 6.78
N SER C 226 24.86 -4.60 7.30
CA SER C 226 24.85 -4.37 8.73
C SER C 226 23.43 -4.49 9.27
N ARG C 227 23.32 -4.59 10.58
CA ARG C 227 22.03 -4.54 11.26
C ARG C 227 22.08 -3.53 12.40
N ILE C 228 20.94 -3.15 12.94
CA ILE C 228 20.90 -2.46 14.23
C ILE C 228 19.87 -3.13 15.14
N ASP C 229 20.25 -3.42 16.39
CA ASP C 229 19.26 -3.90 17.35
C ASP C 229 18.65 -2.70 18.07
N TYR C 230 17.35 -2.51 17.85
CA TYR C 230 16.64 -1.39 18.44
C TYR C 230 16.08 -1.81 19.79
N TYR C 231 16.05 -0.86 20.73
CA TYR C 231 15.54 -1.11 22.07
C TYR C 231 14.73 0.07 22.57
N TRP C 232 13.76 -0.23 23.42
CA TRP C 232 12.89 0.79 23.97
C TRP C 232 12.68 0.56 25.46
N SER C 233 12.47 1.64 26.20
CA SER C 233 12.13 1.50 27.61
C SER C 233 11.35 2.69 28.11
N VAL C 234 10.92 2.59 29.38
CA VAL C 234 10.19 3.67 30.03
C VAL C 234 10.88 4.08 31.32
N LEU C 235 11.39 5.31 31.34
CA LEU C 235 11.97 5.90 32.53
C LEU C 235 10.84 6.44 33.40
N ARG C 236 10.60 5.81 34.54
CA ARG C 236 9.51 6.18 35.43
C ARG C 236 9.79 7.49 36.14
N PRO C 237 8.74 8.20 36.60
CA PRO C 237 8.93 9.41 37.38
C PRO C 237 9.75 9.13 38.63
N GLY C 238 10.85 9.86 38.80
CA GLY C 238 11.75 9.63 39.91
C GLY C 238 13.00 8.88 39.49
N GLU C 239 12.87 8.00 38.50
CA GLU C 239 14.02 7.23 38.04
C GLU C 239 14.93 8.10 37.20
N THR C 240 16.18 7.65 37.04
CA THR C 240 17.14 8.36 36.21
C THR C 240 18.03 7.38 35.46
N LEU C 241 18.48 7.79 34.28
CA LEU C 241 19.20 6.88 33.39
C LEU C 241 20.66 7.29 33.16
N ASN C 242 21.53 6.29 33.26
CA ASN C 242 22.95 6.42 32.94
C ASN C 242 23.30 5.65 31.67
N VAL C 243 23.99 6.34 30.76
CA VAL C 243 24.41 5.77 29.50
C VAL C 243 25.92 5.73 29.44
N GLU C 244 26.48 4.60 29.01
CA GLU C 244 27.93 4.46 28.92
C GLU C 244 28.30 3.56 27.75
N SER C 245 29.12 4.09 26.85
CA SER C 245 29.56 3.26 25.72
C SER C 245 30.93 3.64 25.20
N ASN C 246 31.66 2.65 24.70
CA ASN C 246 32.93 2.92 24.06
C ASN C 246 32.89 2.55 22.59
N GLY C 247 31.68 2.36 22.05
CA GLY C 247 31.54 2.03 20.65
C GLY C 247 30.20 1.43 20.26
N ASN C 248 29.83 1.61 18.99
CA ASN C 248 28.65 0.98 18.41
C ASN C 248 27.33 1.41 19.05
N LEU C 249 27.30 2.60 19.61
CA LEU C 249 26.09 3.09 20.27
C LEU C 249 25.26 3.96 19.34
N ILE C 250 24.02 3.57 19.13
CA ILE C 250 23.04 4.45 18.50
C ILE C 250 22.30 5.12 19.64
N ALA C 251 22.70 6.34 19.95
CA ALA C 251 22.34 6.97 21.21
C ALA C 251 20.97 7.64 21.16
N PRO C 252 20.25 7.59 22.28
CA PRO C 252 18.99 8.33 22.36
C PRO C 252 19.25 9.83 22.23
N TRP C 253 18.29 10.52 21.62
CA TRP C 253 18.43 11.93 21.36
C TRP C 253 17.11 12.57 21.74
N TYR C 254 16.05 12.23 21.02
CA TYR C 254 14.71 12.64 21.42
C TYR C 254 13.93 11.51 22.05
N ALA C 255 12.99 11.88 22.92
CA ALA C 255 12.17 10.91 23.63
C ALA C 255 10.78 11.50 23.82
N TYR C 256 9.91 10.75 24.47
CA TYR C 256 8.52 11.18 24.60
C TYR C 256 8.08 11.16 26.06
N LYS C 257 7.38 12.21 26.47
CA LYS C 257 6.67 12.17 27.73
C LYS C 257 5.34 11.51 27.42
N PHE C 258 5.01 10.46 28.15
CA PHE C 258 3.90 9.59 27.78
C PHE C 258 2.76 9.71 28.77
N VAL C 259 1.53 9.75 28.28
CA VAL C 259 0.36 9.81 29.16
C VAL C 259 -0.45 8.53 29.05
N SER C 260 -0.41 7.74 30.10
CA SER C 260 -1.08 6.47 30.11
C SER C 260 -2.57 6.63 30.40
N THR C 261 -3.39 6.01 29.56
CA THR C 261 -4.81 5.97 29.83
C THR C 261 -5.05 4.87 30.85
N ASN C 262 -6.28 4.77 31.32
CA ASN C 262 -6.70 3.66 32.17
C ASN C 262 -7.90 2.95 31.56
N LYS C 263 -8.46 3.56 30.53
CA LYS C 263 -9.48 2.90 29.73
C LYS C 263 -8.77 1.90 28.82
N LYS C 264 -9.50 1.41 27.83
CA LYS C 264 -9.05 0.29 27.01
C LYS C 264 -7.86 0.65 26.10
N GLY C 265 -8.09 1.52 25.12
CA GLY C 265 -7.06 1.86 24.15
C GLY C 265 -7.09 0.94 22.93
N ALA C 266 -7.06 1.53 21.74
CA ALA C 266 -7.15 0.74 20.51
C ALA C 266 -6.15 1.15 19.42
N VAL C 267 -5.61 0.16 18.73
CA VAL C 267 -4.84 0.38 17.51
C VAL C 267 -5.49 -0.38 16.35
N PHE C 268 -6.08 0.37 15.42
CA PHE C 268 -6.81 -0.23 14.30
C PHE C 268 -5.98 -0.28 13.03
N LYS C 269 -5.81 -1.47 12.47
CA LYS C 269 -5.27 -1.61 11.12
C LYS C 269 -6.43 -1.58 10.15
N SER C 270 -6.53 -0.50 9.37
CA SER C 270 -7.68 -0.31 8.49
C SER C 270 -7.47 0.79 7.45
N ASP C 271 -8.31 0.80 6.42
CA ASP C 271 -8.17 1.74 5.33
C ASP C 271 -9.36 2.68 5.24
N LEU C 272 -10.24 2.61 6.23
CA LEU C 272 -11.42 3.47 6.27
C LEU C 272 -10.99 4.91 6.47
N PRO C 273 -11.72 5.86 5.86
CA PRO C 273 -11.35 7.27 5.99
C PRO C 273 -11.74 7.88 7.34
N ILE C 274 -10.93 8.82 7.81
CA ILE C 274 -11.28 9.56 9.01
C ILE C 274 -12.00 10.84 8.65
N GLU C 275 -13.23 10.97 9.14
CA GLU C 275 -14.07 12.10 8.80
C GLU C 275 -14.35 12.93 10.05
N ASN C 276 -14.76 14.18 9.83
CA ASN C 276 -15.00 15.10 10.94
C ASN C 276 -16.39 14.96 11.53
N CYS C 277 -16.68 13.78 12.08
CA CYS C 277 -17.94 13.52 12.77
C CYS C 277 -17.67 13.07 14.21
N ASP C 278 -18.74 12.80 14.95
CA ASP C 278 -18.63 12.32 16.33
C ASP C 278 -19.34 10.99 16.51
N ALA C 279 -18.99 10.28 17.59
CA ALA C 279 -19.46 8.93 17.82
C ALA C 279 -19.23 8.51 19.27
N THR C 280 -20.11 7.65 19.78
CA THR C 280 -19.98 7.12 21.12
C THR C 280 -19.62 5.64 21.08
N CYS C 281 -19.45 5.10 19.88
CA CYS C 281 -19.11 3.69 19.70
C CYS C 281 -18.42 3.50 18.35
N GLN C 282 -17.21 2.96 18.37
CA GLN C 282 -16.40 2.90 17.14
C GLN C 282 -15.70 1.56 16.94
N THR C 283 -16.23 0.74 16.04
CA THR C 283 -15.61 -0.53 15.67
C THR C 283 -14.56 -0.35 14.58
N ILE C 284 -13.75 -1.38 14.37
CA ILE C 284 -12.76 -1.40 13.29
C ILE C 284 -13.46 -1.45 11.93
N ALA C 285 -14.74 -1.82 11.94
CA ALA C 285 -15.52 -1.98 10.73
C ALA C 285 -16.32 -0.72 10.42
N GLY C 286 -16.56 0.11 11.43
CA GLY C 286 -17.31 1.33 11.27
C GLY C 286 -17.93 1.85 12.57
N VAL C 287 -18.74 2.89 12.46
CA VAL C 287 -19.43 3.47 13.60
C VAL C 287 -20.84 2.89 13.79
N LEU C 288 -21.21 2.65 15.05
CA LEU C 288 -22.58 2.27 15.38
C LEU C 288 -23.35 3.39 16.08
N LYS C 289 -24.51 3.74 15.53
CA LYS C 289 -25.44 4.65 16.19
C LYS C 289 -26.69 3.87 16.57
N THR C 290 -26.73 3.33 17.79
CA THR C 290 -27.86 2.51 18.18
C THR C 290 -28.23 2.62 19.65
N ASN C 291 -29.43 2.12 19.94
CA ASN C 291 -29.88 1.92 21.31
C ASN C 291 -30.08 0.43 21.53
N LYS C 292 -29.63 -0.34 20.55
CA LYS C 292 -29.87 -1.78 20.57
C LYS C 292 -28.85 -2.51 21.45
N THR C 293 -29.24 -3.71 21.86
CA THR C 293 -28.48 -4.49 22.81
C THR C 293 -27.37 -5.29 22.15
N PHE C 294 -27.63 -5.76 20.93
CA PHE C 294 -26.66 -6.60 20.25
C PHE C 294 -26.18 -5.97 18.95
N GLN C 295 -25.11 -6.53 18.40
CA GLN C 295 -24.58 -6.09 17.12
C GLN C 295 -23.80 -7.23 16.47
N ASN C 296 -23.73 -7.25 15.14
CA ASN C 296 -22.98 -8.29 14.46
C ASN C 296 -21.95 -7.72 13.48
N VAL C 297 -21.58 -6.46 13.70
CA VAL C 297 -20.56 -5.83 12.87
C VAL C 297 -19.15 -6.28 13.23
N SER C 298 -18.72 -6.04 14.47
CA SER C 298 -17.35 -6.37 14.87
C SER C 298 -17.16 -6.50 16.38
N PRO C 299 -16.23 -7.38 16.79
CA PRO C 299 -15.85 -7.55 18.19
C PRO C 299 -14.82 -6.52 18.67
N LEU C 300 -14.19 -5.83 17.73
CA LEU C 300 -13.17 -4.86 18.07
C LEU C 300 -13.71 -3.45 18.08
N TRP C 301 -13.76 -2.83 19.26
CA TRP C 301 -14.22 -1.45 19.33
C TRP C 301 -13.58 -0.62 20.43
N ILE C 302 -13.77 0.69 20.32
CA ILE C 302 -13.52 1.60 21.42
C ILE C 302 -14.81 2.35 21.70
N GLY C 303 -15.04 2.69 22.97
CA GLY C 303 -16.28 3.35 23.35
C GLY C 303 -17.35 2.41 23.84
N GLU C 304 -18.58 2.91 23.90
CA GLU C 304 -19.70 2.17 24.47
C GLU C 304 -20.52 1.47 23.39
N CYS C 305 -20.27 0.18 23.20
CA CYS C 305 -20.88 -0.57 22.11
C CYS C 305 -21.76 -1.72 22.59
N PRO C 306 -22.75 -2.12 21.78
CA PRO C 306 -23.57 -3.29 22.11
C PRO C 306 -22.74 -4.58 22.04
N LYS C 307 -23.19 -5.61 22.73
CA LYS C 307 -22.49 -6.89 22.78
C LYS C 307 -22.43 -7.59 21.42
N TYR C 308 -21.22 -7.85 20.94
CA TYR C 308 -21.03 -8.51 19.65
C TYR C 308 -21.52 -9.97 19.70
N VAL C 309 -22.07 -10.42 18.58
CA VAL C 309 -22.78 -11.68 18.51
C VAL C 309 -22.87 -12.13 17.04
N LYS C 310 -23.01 -13.43 16.81
CA LYS C 310 -22.95 -13.97 15.46
C LYS C 310 -24.30 -13.99 14.74
N SER C 311 -25.37 -13.80 15.50
CA SER C 311 -26.73 -13.84 14.98
C SER C 311 -27.01 -12.89 13.80
N GLU C 312 -27.94 -13.30 12.94
CA GLU C 312 -28.44 -12.44 11.87
C GLU C 312 -29.56 -11.55 12.42
N SER C 313 -30.49 -12.19 13.11
CA SER C 313 -31.60 -11.49 13.74
C SER C 313 -31.83 -12.00 15.16
N LEU C 314 -32.30 -11.11 16.02
CA LEU C 314 -32.71 -11.48 17.36
C LEU C 314 -34.03 -10.80 17.65
N ARG C 315 -35.09 -11.31 17.04
CA ARG C 315 -36.37 -10.65 17.06
C ARG C 315 -37.22 -11.17 18.21
N LEU C 316 -37.74 -10.25 19.01
CA LEU C 316 -38.45 -10.61 20.23
C LEU C 316 -39.91 -10.19 20.14
N ALA C 317 -40.80 -11.17 20.24
CA ALA C 317 -42.24 -10.92 20.16
C ALA C 317 -42.75 -10.25 21.42
N THR C 318 -43.56 -9.21 21.25
CA THR C 318 -44.16 -8.51 22.37
C THR C 318 -45.68 -8.61 22.30
N GLY C 319 -46.21 -8.59 21.09
CA GLY C 319 -47.63 -8.76 20.86
C GLY C 319 -48.02 -10.21 20.64
N LEU C 320 -49.29 -10.44 20.32
CA LEU C 320 -49.80 -11.80 20.13
C LEU C 320 -49.79 -12.20 18.66
N ARG C 321 -50.15 -13.46 18.41
CA ARG C 321 -50.14 -14.02 17.06
C ARG C 321 -51.18 -13.33 16.16
N ASN C 322 -50.79 -12.99 14.94
CA ASN C 322 -51.66 -12.25 14.03
C ASN C 322 -52.57 -13.18 13.22
N VAL C 323 -53.88 -13.00 13.39
CA VAL C 323 -54.87 -13.80 12.67
C VAL C 323 -56.01 -12.95 12.09
N PRO C 324 -55.74 -12.15 11.05
CA PRO C 324 -56.84 -11.43 10.43
C PRO C 324 -57.64 -12.31 9.48
N GLN C 325 -58.80 -11.86 9.05
CA GLN C 325 -59.69 -12.64 8.21
C GLN C 325 -60.87 -11.81 7.71
N GLY D 1 -52.38 -21.89 20.50
CA GLY D 1 -52.11 -21.68 21.91
C GLY D 1 -52.45 -22.89 22.75
N ILE D 2 -51.69 -23.10 23.81
CA ILE D 2 -51.90 -24.25 24.69
C ILE D 2 -53.12 -24.10 25.59
N PHE D 3 -53.63 -22.87 25.72
CA PHE D 3 -54.88 -22.64 26.43
C PHE D 3 -56.06 -22.64 25.46
N GLY D 4 -55.76 -22.97 24.20
CA GLY D 4 -56.81 -23.23 23.21
C GLY D 4 -57.47 -22.02 22.60
N ALA D 5 -57.19 -20.84 23.13
CA ALA D 5 -57.94 -19.64 22.77
C ALA D 5 -57.54 -19.03 21.42
N ILE D 6 -56.36 -18.42 21.37
CA ILE D 6 -55.92 -17.68 20.19
C ILE D 6 -55.67 -18.63 19.02
N ALA D 7 -56.21 -18.28 17.85
CA ALA D 7 -56.28 -19.17 16.70
C ALA D 7 -56.63 -20.61 17.09
N GLY D 8 -57.59 -20.73 18.01
CA GLY D 8 -58.10 -22.03 18.45
C GLY D 8 -59.60 -22.08 18.30
N PHE D 9 -60.32 -21.98 19.41
CA PHE D 9 -61.78 -21.95 19.34
C PHE D 9 -62.25 -20.53 18.97
N ILE D 10 -61.50 -19.52 19.39
CA ILE D 10 -61.65 -18.19 18.78
C ILE D 10 -60.74 -18.17 17.56
N GLU D 11 -61.34 -18.37 16.38
CA GLU D 11 -60.59 -18.76 15.19
C GLU D 11 -59.73 -17.65 14.59
N GLY D 12 -60.01 -16.41 14.97
CA GLY D 12 -59.29 -15.29 14.40
C GLY D 12 -59.41 -14.02 15.20
N GLY D 13 -58.89 -12.92 14.64
CA GLY D 13 -58.79 -11.69 15.39
C GLY D 13 -59.45 -10.51 14.69
N TRP D 14 -59.78 -9.50 15.49
CA TRP D 14 -60.51 -8.34 15.00
C TRP D 14 -59.55 -7.19 14.70
N THR D 15 -59.26 -6.98 13.42
CA THR D 15 -58.57 -5.78 12.99
C THR D 15 -59.35 -4.53 13.39
N GLY D 16 -60.65 -4.71 13.64
CA GLY D 16 -61.50 -3.64 14.14
C GLY D 16 -61.02 -3.02 15.45
N MET D 17 -60.60 -3.86 16.39
CA MET D 17 -60.16 -3.39 17.70
C MET D 17 -58.73 -2.85 17.65
N ILE D 18 -58.59 -1.53 17.61
CA ILE D 18 -57.30 -0.89 17.41
C ILE D 18 -56.81 -0.13 18.64
N ASP D 19 -57.40 -0.41 19.79
CA ASP D 19 -57.08 0.34 21.01
C ASP D 19 -56.71 -0.56 22.18
N GLY D 20 -56.39 -1.82 21.88
CA GLY D 20 -55.97 -2.77 22.89
C GLY D 20 -55.65 -4.14 22.29
N TRP D 21 -55.05 -5.01 23.09
CA TRP D 21 -54.76 -6.38 22.64
C TRP D 21 -55.98 -7.28 22.81
N TYR D 22 -56.62 -7.21 23.97
CA TYR D 22 -57.80 -8.02 24.26
C TYR D 22 -59.03 -7.14 24.48
N GLY D 23 -60.20 -7.62 24.09
CA GLY D 23 -61.42 -6.87 24.35
C GLY D 23 -62.77 -7.46 23.94
N TYR D 24 -63.66 -6.59 23.48
CA TYR D 24 -65.06 -6.92 23.28
C TYR D 24 -65.63 -6.40 21.96
N HIS D 25 -66.63 -7.13 21.45
CA HIS D 25 -67.46 -6.69 20.35
C HIS D 25 -68.94 -6.99 20.64
N HIS D 26 -69.60 -6.04 21.29
CA HIS D 26 -71.02 -6.18 21.65
C HIS D 26 -71.92 -6.02 20.43
N GLU D 27 -73.21 -6.29 20.63
CA GLU D 27 -74.20 -6.17 19.56
C GLU D 27 -75.60 -5.98 20.13
N ASN D 28 -76.14 -4.77 20.05
CA ASN D 28 -77.46 -4.53 20.62
C ASN D 28 -78.28 -3.49 19.86
N SER D 29 -79.42 -3.10 20.45
CA SER D 29 -80.40 -2.25 19.79
C SER D 29 -79.88 -0.86 19.43
N GLN D 30 -78.89 -0.37 20.15
CA GLN D 30 -78.30 0.94 19.84
C GLN D 30 -77.27 0.82 18.72
N GLY D 31 -76.79 -0.40 18.50
CA GLY D 31 -75.74 -0.65 17.53
C GLY D 31 -74.70 -1.61 18.08
N SER D 32 -73.61 -1.77 17.35
CA SER D 32 -72.49 -2.58 17.82
C SER D 32 -71.27 -1.70 18.07
N GLY D 33 -70.09 -2.28 17.92
CA GLY D 33 -68.83 -1.58 18.12
C GLY D 33 -67.80 -2.38 18.88
N TYR D 34 -66.54 -2.02 18.69
CA TYR D 34 -65.43 -2.70 19.36
C TYR D 34 -64.97 -1.86 20.56
N ALA D 35 -64.41 -2.51 21.56
CA ALA D 35 -63.83 -1.79 22.70
C ALA D 35 -62.92 -2.70 23.52
N ALA D 36 -61.72 -2.23 23.81
CA ALA D 36 -60.72 -3.08 24.46
C ALA D 36 -60.82 -3.06 25.99
N ASP D 37 -60.49 -4.19 26.61
CA ASP D 37 -60.46 -4.31 28.06
C ASP D 37 -59.15 -3.74 28.58
N ARG D 38 -59.16 -2.46 28.93
CA ARG D 38 -57.95 -1.73 29.31
C ARG D 38 -57.22 -2.34 30.51
N GLU D 39 -57.94 -3.04 31.37
CA GLU D 39 -57.35 -3.62 32.58
C GLU D 39 -56.41 -4.78 32.23
N SER D 40 -56.97 -5.81 31.60
CA SER D 40 -56.20 -7.01 31.27
C SER D 40 -55.19 -6.74 30.16
N THR D 41 -55.43 -5.69 29.37
CA THR D 41 -54.43 -5.21 28.43
C THR D 41 -53.24 -4.59 29.18
N GLN D 42 -53.52 -3.55 29.97
CA GLN D 42 -52.48 -2.84 30.71
C GLN D 42 -51.66 -3.75 31.63
N LYS D 43 -52.26 -4.84 32.08
CA LYS D 43 -51.51 -5.82 32.86
C LYS D 43 -50.42 -6.46 31.99
N ALA D 44 -50.84 -6.96 30.83
CA ALA D 44 -49.94 -7.58 29.86
C ALA D 44 -48.83 -6.64 29.38
N ILE D 45 -49.22 -5.44 28.97
CA ILE D 45 -48.25 -4.44 28.50
C ILE D 45 -47.11 -4.21 29.50
N ASP D 46 -47.46 -4.05 30.78
CA ASP D 46 -46.46 -3.83 31.82
C ASP D 46 -45.63 -5.09 32.07
N GLY D 47 -46.27 -6.24 32.16
CA GLY D 47 -45.54 -7.48 32.32
C GLY D 47 -44.51 -7.74 31.23
N ILE D 48 -44.84 -7.36 30.00
CA ILE D 48 -44.00 -7.68 28.86
C ILE D 48 -42.94 -6.60 28.64
N THR D 49 -43.28 -5.36 28.98
CA THR D 49 -42.27 -4.30 29.07
C THR D 49 -41.23 -4.71 30.09
N ASN D 50 -41.69 -5.29 31.19
CA ASN D 50 -40.81 -5.78 32.23
C ASN D 50 -39.92 -6.91 31.73
N LYS D 51 -40.51 -7.88 31.05
CA LYS D 51 -39.73 -8.98 30.46
C LYS D 51 -38.62 -8.43 29.56
N VAL D 52 -39.00 -7.54 28.65
CA VAL D 52 -38.07 -6.97 27.68
C VAL D 52 -36.95 -6.18 28.36
N ASN D 53 -37.30 -5.36 29.34
CA ASN D 53 -36.29 -4.57 30.03
C ASN D 53 -35.38 -5.40 30.93
N SER D 54 -35.90 -6.50 31.46
CA SER D 54 -35.07 -7.41 32.25
C SER D 54 -34.09 -8.12 31.34
N ILE D 55 -34.54 -8.51 30.16
CA ILE D 55 -33.69 -9.18 29.19
C ILE D 55 -32.59 -8.23 28.71
N ILE D 56 -32.96 -7.01 28.35
CA ILE D 56 -32.00 -6.00 27.94
C ILE D 56 -31.01 -5.72 29.06
N ASN D 57 -31.50 -5.66 30.29
CA ASN D 57 -30.65 -5.37 31.44
C ASN D 57 -29.62 -6.47 31.69
N LYS D 58 -30.06 -7.72 31.70
CA LYS D 58 -29.16 -8.86 31.93
C LYS D 58 -28.11 -9.00 30.82
N MET D 59 -28.41 -8.49 29.64
CA MET D 59 -27.51 -8.61 28.50
C MET D 59 -26.59 -7.41 28.37
N ASN D 60 -26.46 -6.64 29.46
CA ASN D 60 -25.73 -5.38 29.40
C ASN D 60 -24.30 -5.51 29.92
N THR D 61 -23.58 -6.49 29.40
CA THR D 61 -22.14 -6.58 29.59
C THR D 61 -21.53 -6.91 28.24
N GLN D 62 -20.29 -6.51 28.01
CA GLN D 62 -19.63 -6.87 26.77
C GLN D 62 -18.27 -7.49 27.01
N PHE D 63 -18.06 -8.70 26.50
CA PHE D 63 -16.72 -9.22 26.39
C PHE D 63 -16.00 -8.42 25.32
N GLU D 64 -14.72 -8.15 25.52
CA GLU D 64 -14.02 -7.21 24.65
C GLU D 64 -12.74 -7.81 24.06
N ALA D 65 -12.79 -8.11 22.76
CA ALA D 65 -11.63 -8.60 22.03
C ALA D 65 -10.55 -7.52 21.96
N VAL D 66 -9.31 -7.92 21.65
CA VAL D 66 -8.23 -6.95 21.56
C VAL D 66 -7.32 -7.16 20.34
N ASP D 67 -6.85 -6.03 19.82
CA ASP D 67 -5.87 -5.96 18.72
C ASP D 67 -4.44 -6.43 19.04
N HIS D 68 -4.20 -7.04 20.19
CA HIS D 68 -2.84 -7.41 20.56
C HIS D 68 -2.19 -8.35 19.55
N GLU D 69 -0.91 -8.11 19.27
CA GLU D 69 -0.18 -8.87 18.26
C GLU D 69 0.79 -9.84 18.91
N PHE D 70 1.10 -10.92 18.20
CA PHE D 70 1.97 -11.96 18.74
C PHE D 70 3.04 -12.37 17.72
N SER D 71 4.27 -12.48 18.17
CA SER D 71 5.39 -12.81 17.29
C SER D 71 5.32 -14.23 16.73
N ASN D 72 6.34 -14.60 15.97
CA ASN D 72 6.43 -15.94 15.39
C ASN D 72 6.64 -17.03 16.44
N LEU D 73 7.27 -16.66 17.54
CA LEU D 73 7.50 -17.58 18.65
C LEU D 73 6.45 -17.44 19.75
N GLU D 74 5.36 -16.75 19.43
CA GLU D 74 4.25 -16.61 20.39
C GLU D 74 2.99 -17.24 19.81
N ARG D 75 3.19 -18.23 18.95
CA ARG D 75 2.09 -18.94 18.28
C ARG D 75 1.11 -19.50 19.30
N ARG D 76 1.65 -20.12 20.35
CA ARG D 76 0.84 -20.74 21.39
C ARG D 76 -0.10 -19.78 22.13
N ILE D 77 0.44 -18.70 22.68
CA ILE D 77 -0.42 -17.76 23.40
C ILE D 77 -1.34 -16.99 22.47
N GLY D 78 -0.91 -16.77 21.22
CA GLY D 78 -1.78 -16.20 20.20
C GLY D 78 -3.01 -17.06 20.01
N ASN D 79 -2.78 -18.35 19.74
CA ASN D 79 -3.85 -19.32 19.60
C ASN D 79 -4.73 -19.40 20.85
N LEU D 80 -4.10 -19.32 22.02
CA LEU D 80 -4.83 -19.28 23.29
C LEU D 80 -5.84 -18.13 23.31
N ASN D 81 -5.36 -16.94 22.96
CA ASN D 81 -6.20 -15.75 22.86
C ASN D 81 -7.35 -15.94 21.88
N LYS D 82 -7.04 -16.48 20.72
CA LYS D 82 -8.06 -16.70 19.70
C LYS D 82 -9.16 -17.60 20.27
N ARG D 83 -8.76 -18.78 20.76
CA ARG D 83 -9.70 -19.72 21.35
C ARG D 83 -10.55 -19.09 22.45
N MET D 84 -9.96 -18.22 23.27
CA MET D 84 -10.74 -17.56 24.30
C MET D 84 -11.82 -16.66 23.71
N GLU D 85 -11.42 -15.79 22.79
CA GLU D 85 -12.35 -14.83 22.20
C GLU D 85 -13.48 -15.51 21.44
N ASP D 86 -13.14 -16.51 20.62
CA ASP D 86 -14.16 -17.23 19.88
C ASP D 86 -15.07 -17.99 20.84
N GLY D 87 -14.46 -18.68 21.80
CA GLY D 87 -15.20 -19.35 22.87
C GLY D 87 -16.32 -18.51 23.46
N PHE D 88 -15.94 -17.41 24.09
CA PHE D 88 -16.93 -16.52 24.69
C PHE D 88 -17.97 -16.06 23.65
N LEU D 89 -17.50 -15.67 22.47
CA LEU D 89 -18.41 -15.35 21.38
C LEU D 89 -19.47 -16.44 21.16
N ASP D 90 -19.04 -17.70 21.24
CA ASP D 90 -19.93 -18.82 20.98
C ASP D 90 -20.99 -18.91 22.06
N VAL D 91 -20.57 -18.71 23.31
CA VAL D 91 -21.54 -18.90 24.39
C VAL D 91 -22.53 -17.73 24.42
N TRP D 92 -22.07 -16.51 24.16
CA TRP D 92 -23.01 -15.39 24.15
C TRP D 92 -23.98 -15.47 22.96
N THR D 93 -23.48 -15.91 21.81
CA THR D 93 -24.36 -16.14 20.66
C THR D 93 -25.44 -17.15 21.01
N TYR D 94 -25.02 -18.25 21.63
CA TYR D 94 -25.94 -19.31 22.00
C TYR D 94 -26.99 -18.77 22.97
N ASN D 95 -26.53 -18.08 24.01
CA ASN D 95 -27.41 -17.54 25.03
C ASN D 95 -28.49 -16.67 24.43
N ALA D 96 -28.07 -15.78 23.53
CA ALA D 96 -29.01 -14.86 22.91
C ALA D 96 -30.05 -15.62 22.09
N GLU D 97 -29.59 -16.39 21.11
CA GLU D 97 -30.51 -17.08 20.21
C GLU D 97 -31.50 -17.97 20.96
N LEU D 98 -30.99 -18.73 21.92
CA LEU D 98 -31.82 -19.66 22.70
C LEU D 98 -32.86 -18.90 23.52
N LEU D 99 -32.39 -17.88 24.24
CA LEU D 99 -33.28 -17.09 25.08
C LEU D 99 -34.41 -16.48 24.24
N VAL D 100 -34.07 -16.00 23.05
CA VAL D 100 -35.07 -15.40 22.16
C VAL D 100 -36.13 -16.44 21.81
N LEU D 101 -35.70 -17.60 21.31
CA LEU D 101 -36.64 -18.67 20.95
C LEU D 101 -37.62 -18.99 22.09
N LEU D 102 -37.03 -19.42 23.22
CA LEU D 102 -37.79 -19.83 24.40
C LEU D 102 -38.79 -18.77 24.84
N GLU D 103 -38.29 -17.54 25.02
CA GLU D 103 -39.13 -16.45 25.52
C GLU D 103 -40.25 -16.10 24.56
N ASN D 104 -40.00 -16.14 23.26
CA ASN D 104 -41.10 -15.96 22.31
C ASN D 104 -42.21 -16.98 22.52
N GLU D 105 -41.81 -18.26 22.63
CA GLU D 105 -42.80 -19.31 22.95
C GLU D 105 -43.66 -18.93 24.16
N ARG D 106 -42.99 -18.56 25.26
CA ARG D 106 -43.74 -18.31 26.49
C ARG D 106 -44.56 -17.02 26.44
N THR D 107 -44.10 -16.06 25.65
CA THR D 107 -44.84 -14.82 25.43
C THR D 107 -46.19 -15.13 24.78
N LEU D 108 -46.14 -15.94 23.73
CA LEU D 108 -47.38 -16.30 23.02
C LEU D 108 -48.31 -17.06 23.96
N ASP D 109 -47.78 -18.07 24.65
CA ASP D 109 -48.59 -18.77 25.64
C ASP D 109 -49.24 -17.82 26.65
N LEU D 110 -48.52 -16.76 27.03
CA LEU D 110 -49.05 -15.75 27.94
C LEU D 110 -50.27 -15.03 27.36
N HIS D 111 -50.12 -14.51 26.14
CA HIS D 111 -51.25 -13.85 25.48
C HIS D 111 -52.47 -14.76 25.42
N ASP D 112 -52.21 -16.02 25.06
CA ASP D 112 -53.26 -17.03 24.93
C ASP D 112 -54.01 -17.19 26.24
N ALA D 113 -53.26 -17.32 27.33
CA ALA D 113 -53.87 -17.54 28.64
C ALA D 113 -54.64 -16.31 29.10
N ASN D 114 -54.17 -15.13 28.73
CA ASN D 114 -54.86 -13.90 29.12
C ASN D 114 -56.23 -13.84 28.46
N VAL D 115 -56.27 -14.20 27.17
CA VAL D 115 -57.56 -14.27 26.46
C VAL D 115 -58.50 -15.29 27.12
N LYS D 116 -58.08 -16.55 27.14
CA LYS D 116 -58.82 -17.62 27.82
C LYS D 116 -59.40 -17.19 29.18
N ASN D 117 -58.58 -16.53 29.99
CA ASN D 117 -59.00 -16.13 31.33
C ASN D 117 -60.01 -14.99 31.32
N LEU D 118 -59.94 -14.12 30.30
CA LEU D 118 -60.97 -13.08 30.17
C LEU D 118 -62.32 -13.72 29.84
N TYR D 119 -62.31 -14.57 28.81
CA TYR D 119 -63.47 -15.40 28.47
C TYR D 119 -64.09 -16.03 29.73
N GLU D 120 -63.25 -16.71 30.51
CA GLU D 120 -63.71 -17.30 31.78
C GLU D 120 -64.35 -16.28 32.72
N LYS D 121 -63.73 -15.10 32.87
CA LYS D 121 -64.27 -14.02 33.69
C LYS D 121 -65.72 -13.72 33.31
N VAL D 122 -65.93 -13.59 32.00
CA VAL D 122 -67.25 -13.27 31.46
C VAL D 122 -68.26 -14.39 31.71
N LYS D 123 -68.04 -15.56 31.09
CA LYS D 123 -68.89 -16.72 31.33
C LYS D 123 -69.25 -16.93 32.80
N SER D 124 -68.24 -16.77 33.67
CA SER D 124 -68.41 -16.90 35.11
C SER D 124 -69.42 -15.88 35.62
N GLN D 125 -69.40 -14.67 35.05
CA GLN D 125 -70.44 -13.72 35.44
C GLN D 125 -71.83 -14.08 34.91
N LEU D 126 -71.91 -14.18 33.58
CA LEU D 126 -73.11 -14.59 32.87
C LEU D 126 -73.04 -16.09 32.83
N ARG D 127 -74.04 -16.73 33.42
CA ARG D 127 -74.04 -18.18 33.60
C ARG D 127 -75.33 -18.74 33.04
N ASP D 128 -76.45 -18.23 33.54
CA ASP D 128 -77.75 -18.62 32.95
C ASP D 128 -78.39 -17.58 32.02
N ASN D 129 -78.10 -16.31 32.23
CA ASN D 129 -78.77 -15.25 31.49
C ASN D 129 -78.31 -15.12 30.03
N ALA D 130 -77.49 -16.08 29.58
CA ALA D 130 -77.03 -16.08 28.20
C ALA D 130 -76.62 -17.47 27.72
N ASN D 131 -76.32 -17.55 26.42
CA ASN D 131 -76.04 -18.80 25.73
C ASN D 131 -74.62 -18.81 25.14
N ASP D 132 -73.80 -19.76 25.60
CA ASP D 132 -72.41 -19.90 25.15
C ASP D 132 -72.34 -20.59 23.79
N LEU D 133 -72.03 -19.83 22.74
CA LEU D 133 -71.92 -20.38 21.39
C LEU D 133 -70.73 -21.32 21.27
N GLY D 134 -69.66 -21.03 22.01
CA GLY D 134 -68.48 -21.86 22.00
C GLY D 134 -67.35 -21.31 21.13
N ASN D 135 -67.64 -20.23 20.42
CA ASN D 135 -66.60 -19.50 19.68
C ASN D 135 -66.32 -18.16 20.36
N GLY D 136 -66.58 -18.12 21.66
CA GLY D 136 -66.31 -16.93 22.46
C GLY D 136 -67.31 -15.82 22.22
N CYS D 137 -68.48 -16.18 21.68
CA CYS D 137 -69.60 -15.25 21.62
C CYS D 137 -70.71 -15.70 22.58
N PHE D 138 -71.35 -14.75 23.23
CA PHE D 138 -72.41 -15.05 24.18
C PHE D 138 -73.72 -14.37 23.78
N GLU D 139 -74.80 -15.14 23.63
CA GLU D 139 -76.09 -14.58 23.22
C GLU D 139 -77.06 -14.41 24.39
N PHE D 140 -77.43 -13.16 24.69
CA PHE D 140 -78.32 -12.89 25.81
C PHE D 140 -79.71 -13.47 25.61
N TRP D 141 -80.38 -13.80 26.72
CA TRP D 141 -81.79 -14.14 26.67
C TRP D 141 -82.64 -12.90 26.93
N HIS D 142 -82.13 -12.02 27.78
CA HIS D 142 -82.83 -10.80 28.13
C HIS D 142 -82.34 -9.63 27.29
N LYS D 143 -82.66 -8.41 27.72
CA LYS D 143 -82.24 -7.22 27.00
C LYS D 143 -81.03 -6.58 27.64
N CYS D 144 -80.07 -6.18 26.82
CA CYS D 144 -78.86 -5.53 27.30
C CYS D 144 -78.56 -4.26 26.52
N ASP D 145 -78.78 -3.12 27.17
CA ASP D 145 -78.47 -1.81 26.59
C ASP D 145 -76.99 -1.46 26.79
N ASN D 146 -76.69 -0.18 26.95
CA ASN D 146 -75.31 0.24 27.12
C ASN D 146 -74.85 0.21 28.58
N GLU D 147 -75.70 0.69 29.50
CA GLU D 147 -75.43 0.57 30.93
C GLU D 147 -75.45 -0.89 31.37
N CYS D 148 -76.04 -1.76 30.55
CA CYS D 148 -76.01 -3.20 30.79
C CYS D 148 -74.67 -3.81 30.39
N MET D 149 -74.30 -3.65 29.11
CA MET D 149 -73.02 -4.11 28.59
C MET D 149 -71.87 -3.62 29.47
N GLU D 150 -71.87 -2.32 29.72
CA GLU D 150 -70.86 -1.68 30.55
C GLU D 150 -70.67 -2.35 31.91
N SER D 151 -71.77 -2.84 32.48
CA SER D 151 -71.71 -3.45 33.81
C SER D 151 -71.02 -4.81 33.73
N VAL D 152 -71.16 -5.47 32.59
CA VAL D 152 -70.42 -6.70 32.33
C VAL D 152 -68.94 -6.38 32.16
N LYS D 153 -68.66 -5.40 31.32
CA LYS D 153 -67.29 -4.95 31.09
C LYS D 153 -66.55 -4.57 32.38
N ASN D 154 -67.09 -3.63 33.15
CA ASN D 154 -66.41 -3.25 34.41
C ASN D 154 -66.72 -4.23 35.55
N GLY D 155 -67.11 -5.45 35.18
CA GLY D 155 -67.17 -6.58 36.10
C GLY D 155 -68.30 -6.57 37.12
N THR D 156 -69.23 -5.63 36.98
CA THR D 156 -70.31 -5.51 37.95
C THR D 156 -71.68 -5.87 37.38
N TYR D 157 -71.76 -7.05 36.78
CA TYR D 157 -72.99 -7.53 36.19
C TYR D 157 -73.89 -8.18 37.24
N ASP D 158 -75.09 -7.63 37.42
CA ASP D 158 -76.03 -8.13 38.42
C ASP D 158 -76.81 -9.33 37.89
N TYR D 159 -76.38 -10.53 38.29
CA TYR D 159 -77.00 -11.76 37.83
C TYR D 159 -78.43 -11.99 38.38
N PRO D 160 -78.65 -11.75 39.69
CA PRO D 160 -80.04 -11.78 40.21
C PRO D 160 -81.08 -11.06 39.34
N LYS D 161 -80.93 -9.75 39.18
CA LYS D 161 -81.85 -8.91 38.40
C LYS D 161 -82.37 -9.56 37.11
N TYR D 162 -81.47 -9.97 36.23
CA TYR D 162 -81.86 -10.47 34.92
C TYR D 162 -82.17 -11.97 34.87
N GLN D 163 -82.18 -12.64 36.02
CA GLN D 163 -82.36 -14.09 36.03
C GLN D 163 -83.82 -14.49 35.81
N LYS D 164 -84.76 -13.67 36.27
CA LYS D 164 -86.16 -13.93 36.03
C LYS D 164 -86.56 -13.61 34.60
C1 NAG E . -20.93 9.99 -40.27
C2 NAG E . -21.82 9.33 -41.33
C3 NAG E . -21.27 9.64 -42.71
C4 NAG E . -21.37 11.14 -42.96
C5 NAG E . -20.58 11.92 -41.89
C6 NAG E . -20.96 13.39 -41.88
C7 NAG E . -22.74 7.35 -40.18
C8 NAG E . -22.82 5.86 -40.18
N2 NAG E . -21.98 7.89 -41.15
O3 NAG E . -21.90 8.87 -43.73
O4 NAG E . -20.85 11.48 -44.25
O5 NAG E . -20.86 11.45 -40.55
O6 NAG E . -19.82 14.24 -42.02
O7 NAG E . -23.31 8.05 -39.32
C1 NAG E . -21.77 11.41 -45.35
C2 NAG E . -21.49 12.52 -46.40
C3 NAG E . -22.47 12.41 -47.57
C4 NAG E . -22.34 11.04 -48.21
C5 NAG E . -22.75 10.00 -47.17
C6 NAG E . -22.68 8.58 -47.72
C7 NAG E . -20.63 14.32 -44.95
C8 NAG E . -20.87 15.73 -44.44
N2 NAG E . -21.56 13.84 -45.80
O3 NAG E . -22.27 13.45 -48.52
O4 NAG E . -23.13 10.93 -49.38
O5 NAG E . -21.86 10.07 -46.04
O6 NAG E . -22.65 7.60 -46.67
O7 NAG E . -19.65 13.65 -44.60
C1 NAG F . -27.96 -12.46 0.09
C2 NAG F . -26.74 -11.78 0.68
C3 NAG F . -26.96 -10.26 0.72
C4 NAG F . -27.33 -9.75 -0.66
C5 NAG F . -28.50 -10.54 -1.23
C6 NAG F . -28.82 -10.17 -2.66
C7 NAG F . -25.53 -13.25 2.23
C8 NAG F . -25.35 -13.67 3.65
N2 NAG F . -26.45 -12.29 2.01
O1 NAG F . -27.75 -13.83 0.03
O3 NAG F . -25.77 -9.63 1.19
O4 NAG F . -27.71 -8.37 -0.59
O5 NAG F . -28.22 -11.94 -1.21
O6 NAG F . -29.40 -11.26 -3.36
O7 NAG F . -24.88 -13.74 1.31
C1 GAL F . -26.72 -7.57 -1.21
C2 GAL F . -27.36 -6.28 -1.88
C3 GAL F . -26.33 -5.16 -2.20
C4 GAL F . -25.38 -4.96 -0.99
C5 GAL F . -24.77 -6.31 -0.60
C6 GAL F . -23.81 -6.25 0.59
O2 GAL F . -28.03 -6.60 -3.09
O3 GAL F . -26.98 -3.87 -2.49
O4 GAL F . -26.11 -4.42 0.10
O5 GAL F . -25.77 -7.23 -0.20
O6 GAL F . -22.83 -5.25 0.43
C1 SIA F . -25.65 -2.61 -3.88
C2 SIA F . -26.99 -3.24 -3.78
C3 SIA F . -28.02 -2.13 -3.72
C4 SIA F . -27.98 -1.54 -5.11
C5 SIA F . -28.40 -2.51 -6.20
C6 SIA F . -27.49 -3.72 -6.01
C7 SIA F . -27.90 -4.81 -6.97
C8 SIA F . -26.97 -5.98 -6.77
C9 SIA F . -27.04 -6.98 -7.88
C10 SIA F . -28.89 -1.43 -8.28
C11 SIA F . -28.31 -0.72 -9.44
N5 SIA F . -28.03 -1.88 -7.41
O1A SIA F . -24.83 -3.03 -4.70
O1B SIA F . -25.43 -1.64 -3.15
O4 SIA F . -28.83 -0.40 -5.22
O6 SIA F . -27.21 -4.24 -4.72
O7 SIA F . -29.23 -5.15 -6.66
O8 SIA F . -25.63 -5.53 -6.77
O9 SIA F . -25.70 -7.45 -7.98
O10 SIA F . -30.07 -1.60 -8.14
C1 NAG G . 17.56 13.45 40.81
C2 NAG G . 18.53 12.74 41.73
C3 NAG G . 18.04 12.82 43.17
C4 NAG G . 17.90 14.28 43.60
C5 NAG G . 16.97 15.02 42.62
C6 NAG G . 16.97 16.52 42.85
C7 NAG G . 19.96 10.83 41.16
C8 NAG G . 20.03 9.36 40.82
N2 NAG G . 18.74 11.35 41.35
O3 NAG G . 18.93 12.10 44.02
O4 NAG G . 17.33 14.34 44.90
O5 NAG G . 17.39 14.83 41.26
O6 NAG G . 16.84 17.21 41.61
O7 NAG G . 20.99 11.52 41.27
C1 NAG G . 18.25 14.65 45.97
C2 NAG G . 17.50 15.44 47.06
C3 NAG G . 18.39 15.66 48.29
C4 NAG G . 18.96 14.34 48.79
C5 NAG G . 19.71 13.66 47.66
C6 NAG G . 20.27 12.31 48.05
C7 NAG G . 15.78 16.88 46.06
C8 NAG G . 15.46 18.27 45.60
N2 NAG G . 17.02 16.71 46.55
O3 NAG G . 17.65 16.29 49.32
O4 NAG G . 19.81 14.55 49.90
O5 NAG G . 18.82 13.43 46.55
O6 NAG G . 21.44 11.98 47.30
O7 NAG G . 14.97 15.97 45.99
C1 NAG H . 30.30 -4.52 -0.42
C2 NAG H . 28.94 -4.16 -0.99
C3 NAG H . 28.75 -2.65 -0.97
C4 NAG H . 28.96 -2.11 0.45
C5 NAG H . 30.31 -2.59 1.00
C6 NAG H . 30.51 -2.22 2.45
C7 NAG H . 28.14 -5.83 -2.60
C8 NAG H . 28.06 -6.22 -4.05
N2 NAG H . 28.79 -4.68 -2.34
O1 NAG H . 30.47 -5.90 -0.44
O3 NAG H . 27.44 -2.33 -1.43
O4 NAG H . 28.94 -0.69 0.45
O5 NAG H . 30.42 -4.01 0.91
O6 NAG H . 31.33 -3.18 3.11
O7 NAG H . 27.62 -6.50 -1.71
C1 GAL H . 27.73 -0.27 1.14
C2 GAL H . 28.02 1.13 1.85
C3 GAL H . 26.75 1.94 2.19
C4 GAL H . 25.76 1.93 1.00
C5 GAL H . 25.51 0.48 0.56
C6 GAL H . 24.57 0.31 -0.65
O2 GAL H . 28.75 0.95 3.07
O3 GAL H . 27.05 3.34 2.51
O4 GAL H . 26.28 2.69 -0.09
O5 GAL H . 26.71 -0.17 0.15
O6 GAL H . 23.32 0.95 -0.43
C1 SIA H . 25.58 4.32 3.99
C2 SIA H . 27.03 3.93 3.82
C3 SIA H . 27.89 5.19 3.68
C4 SIA H . 27.92 5.96 5.02
C5 SIA H . 28.22 5.08 6.22
C6 SIA H . 27.62 3.68 6.08
C7 SIA H . 28.48 2.71 6.89
C8 SIA H . 27.92 1.29 6.82
C9 SIA H . 28.41 0.46 8.00
C10 SIA H . 28.53 6.22 8.35
C11 SIA H . 28.01 6.22 9.76
N5 SIA H . 27.70 5.70 7.43
O1A SIA H . 25.15 5.30 3.32
O1B SIA H . 24.88 3.67 4.78
O4 SIA H . 28.91 7.00 4.93
O6 SIA H . 27.38 3.05 4.83
O7 SIA H . 29.81 2.73 6.41
O8 SIA H . 26.49 1.34 6.82
O9 SIA H . 27.45 -0.57 8.28
O10 SIA H . 29.63 6.67 8.06
C1 NAG I . 42.94 -7.26 -7.40
C2 NAG I . 42.82 -8.56 -6.59
C3 NAG I . 41.89 -8.40 -5.39
C4 NAG I . 42.33 -7.22 -4.53
C5 NAG I . 42.30 -5.95 -5.37
C6 NAG I . 42.75 -4.73 -4.60
C7 NAG I . 43.19 -10.42 -8.18
C8 NAG I . 42.53 -11.50 -9.02
N2 NAG I . 42.35 -9.65 -7.45
O3 NAG I . 41.89 -9.60 -4.63
O4 NAG I . 41.49 -7.06 -3.39
O5 NAG I . 43.22 -6.11 -6.47
O6 NAG I . 42.90 -3.57 -5.44
O7 NAG I . 44.42 -10.27 -8.16
C1 NAG J . 66.58 21.00 -35.57
C2 NAG J . 65.84 21.80 -36.68
C3 NAG J . 66.58 23.08 -36.98
C4 NAG J . 66.57 23.94 -35.73
C5 NAG J . 67.47 23.27 -34.70
C6 NAG J . 67.53 24.05 -33.40
C7 NAG J . 64.84 19.96 -38.00
C8 NAG J . 64.82 19.26 -39.36
N2 NAG J . 65.68 21.01 -37.91
O3 NAG J . 65.98 23.79 -38.07
O4 NAG J . 67.01 25.27 -36.04
O5 NAG J . 66.94 21.96 -34.39
O6 NAG J . 68.46 23.49 -32.48
O7 NAG J . 64.14 19.57 -37.05
C1 NAG K . -38.93 -19.39 7.02
C2 NAG K . -38.73 -20.78 6.38
C3 NAG K . -37.89 -20.68 5.12
C4 NAG K . -38.61 -19.82 4.11
C5 NAG K . -38.58 -18.39 4.65
C6 NAG K . -39.28 -17.40 3.74
C7 NAG K . -38.86 -22.51 8.10
C8 NAG K . -38.09 -23.47 8.99
N2 NAG K . -38.13 -21.73 7.31
O3 NAG K . -37.68 -21.99 4.61
O4 NAG K . -38.03 -19.92 2.82
O5 NAG K . -39.25 -18.34 5.92
O6 NAG K . -40.09 -16.50 4.50
O7 NAG K . -40.11 -22.45 8.12
C1 NAG L . -69.61 0.54 35.90
C2 NAG L . -69.31 1.38 37.16
C3 NAG L . -70.47 2.34 37.43
C4 NAG L . -70.55 3.32 36.27
C5 NAG L . -70.95 2.57 35.01
C6 NAG L . -70.89 3.48 33.79
C7 NAG L . -67.92 -0.20 38.47
C8 NAG L . -67.78 -0.93 39.79
N2 NAG L . -69.02 0.58 38.34
O3 NAG L . -70.29 3.04 38.66
O4 NAG L . -71.47 4.37 36.55
O5 NAG L . -70.05 1.47 34.75
O6 NAG L . -71.61 2.98 32.67
O7 NAG L . -67.08 -0.30 37.56
#